data_1X1J
#
_entry.id   1X1J
#
_cell.length_a   53.747
_cell.length_b   90.026
_cell.length_c   74.249
_cell.angle_alpha   90.00
_cell.angle_beta   91.06
_cell.angle_gamma   90.00
#
_symmetry.space_group_name_H-M   'P 1 21 1'
#
loop_
_entity.id
_entity.type
_entity.pdbx_description
1 polymer 'xanthan lyase'
2 non-polymer '(4AR,6R,7S,8R,8AR)-8-((5R,6R)-3-CARBOXY-TETRAHYDRO-4,5,6-TRIHYDROXY-2H-PYRAN-2-YLOXY)-HEXAHYDRO-6,7-DIHYDROXY-2-METHYLPYRANO[3,2-D][1,3]DIOXINE-2-CARBOXYLIC ACID)'
3 non-polymer 'CALCIUM ION'
4 water water
#
_entity_poly.entity_id   1
_entity_poly.type   'polypeptide(L)'
_entity_poly.pdbx_seq_one_letter_code
;SDEFDALRIKWATLLTGGPALDPADSDIAARTDKLAQDANDYWEDMDLSSSRTYIWYALRGNGTSDNVNAVYERLRTMAL
AATTVGSSLYGNADLKEDILDALDWLYVNSYNSTRSRSAYNWWHWQLGIPMSLNDIAVLLYDDISAARMATYMDTIDYFT
PSIGLTGAARAWQAIVVGVRAVIVKDAVKLAAARNGLSGTGIFPYATGGDGFYADGSFVQHTTFAYTGGYGSSVLETTAN
LMYLLSGSTWSVSDPNQSNVWQWIYEAYRPLLYKGAMMDMVRGREISRSYAQDHAVGHGIVASIVRLAQFAPAPHAAAFK
QIAKRVIQEDTFSSFYGDVSTDTIRLAKAIVDDPSIAPAAAPNLYKQYAAMDRAVLQRPGFALGLALYSTRISSYESINS
ENGRGWYTGAGATYLYNQDLAQYSEDYWPTVDAYRIPGTTVASGTPIASGTGTSSWTGGVSLAGQYGASGMDLSYGAYNL
SARKSWFMFDDEIVALGSGISSTAGIPIETVVDNRKLNGAGDNAWTANGAALSTGLGVAQTLTGVNWVHLAGNTADGSDI
GYYFPGGATLQTKREARTGTWKQINNRPATPSTAVTRNYETMWIDHGTNPSGASYGYVLLPNKTSAQVGAYAADPAIEIV
VNTSGVQSVKEKTLGLVGANFWTDTTQTADLITSNKKASVMTREIADERLEASVSDPTQANNGTIAIELARSAEGYSADP
GITVTQLAPTIKFTVNVNGAKGKSFHASFQLG
;
_entity_poly.pdbx_strand_id   A
#
# COMPACT_ATOMS: atom_id res chain seq x y z
N SER A 1 10.89 11.38 41.85
CA SER A 1 10.68 10.80 40.49
C SER A 1 12.00 10.58 39.78
N ASP A 2 11.95 9.83 38.68
CA ASP A 2 13.14 9.56 37.87
C ASP A 2 12.76 9.71 36.39
N GLU A 3 13.75 9.60 35.52
CA GLU A 3 13.50 9.74 34.09
C GLU A 3 12.58 8.65 33.56
N PHE A 4 12.51 7.53 34.27
CA PHE A 4 11.65 6.43 33.86
C PHE A 4 10.19 6.82 34.08
N ASP A 5 9.88 7.37 35.25
CA ASP A 5 8.52 7.80 35.54
C ASP A 5 8.15 8.85 34.49
N ALA A 6 9.13 9.66 34.12
CA ALA A 6 8.94 10.72 33.13
C ALA A 6 8.55 10.09 31.79
N LEU A 7 9.29 9.06 31.40
CA LEU A 7 9.01 8.36 30.15
C LEU A 7 7.68 7.63 30.24
N ARG A 8 7.42 7.00 31.37
CA ARG A 8 6.18 6.26 31.56
C ARG A 8 4.97 7.16 31.34
N ILE A 9 5.03 8.37 31.89
CA ILE A 9 3.94 9.32 31.75
C ILE A 9 3.86 9.81 30.29
N LYS A 10 5.01 9.83 29.64
CA LYS A 10 5.09 10.26 28.24
C LYS A 10 4.30 9.26 27.38
N TRP A 11 4.51 7.98 27.62
CA TRP A 11 3.83 6.94 26.86
C TRP A 11 2.34 6.93 27.20
N ALA A 12 2.04 7.12 28.48
CA ALA A 12 0.65 7.13 28.93
C ALA A 12 -0.16 8.20 28.20
N THR A 13 0.45 9.37 27.99
CA THR A 13 -0.23 10.46 27.30
C THR A 13 -0.43 10.08 25.84
N LEU A 14 0.55 9.36 25.29
CA LEU A 14 0.47 8.92 23.90
C LEU A 14 -0.73 8.01 23.74
N LEU A 15 -1.08 7.31 24.82
CA LEU A 15 -2.19 6.37 24.79
C LEU A 15 -3.55 6.99 25.09
N THR A 16 -3.57 8.01 25.93
CA THR A 16 -4.83 8.64 26.33
C THR A 16 -5.08 10.06 25.83
N GLY A 17 -4.04 10.73 25.37
CA GLY A 17 -4.21 12.09 24.89
C GLY A 17 -3.83 13.07 25.98
N GLY A 18 -3.60 12.54 27.19
CA GLY A 18 -3.19 13.39 28.29
C GLY A 18 -4.33 14.06 29.05
N PRO A 19 -4.00 14.76 30.15
CA PRO A 19 -4.99 15.46 30.98
C PRO A 19 -5.60 16.67 30.28
N ALA A 20 -4.81 17.31 29.42
CA ALA A 20 -5.27 18.49 28.68
C ALA A 20 -6.10 18.10 27.46
N LEU A 21 -6.53 16.85 27.42
CA LEU A 21 -7.33 16.34 26.31
C LEU A 21 -8.70 17.02 26.32
N ASP A 22 -8.78 18.15 25.64
CA ASP A 22 -10.02 18.93 25.56
C ASP A 22 -11.25 18.08 25.27
N PRO A 23 -12.05 17.78 26.31
CA PRO A 23 -13.27 16.98 26.14
C PRO A 23 -14.35 17.76 25.40
N ALA A 24 -14.10 19.05 25.20
CA ALA A 24 -15.04 19.92 24.50
C ALA A 24 -14.86 19.81 23.00
N ASP A 25 -13.69 19.34 22.57
CA ASP A 25 -13.42 19.19 21.15
C ASP A 25 -14.41 18.16 20.60
N SER A 26 -15.14 18.55 19.57
CA SER A 26 -16.13 17.69 18.94
C SER A 26 -15.63 16.28 18.66
N ASP A 27 -14.58 16.17 17.84
CA ASP A 27 -14.01 14.88 17.47
C ASP A 27 -13.47 14.08 18.63
N ILE A 28 -12.77 14.75 19.55
CA ILE A 28 -12.22 14.08 20.71
C ILE A 28 -13.34 13.40 21.49
N ALA A 29 -14.32 14.21 21.89
CA ALA A 29 -15.47 13.72 22.65
C ALA A 29 -16.13 12.57 21.90
N ALA A 30 -16.25 12.70 20.59
CA ALA A 30 -16.86 11.66 19.78
C ALA A 30 -16.05 10.37 19.92
N ARG A 31 -14.74 10.49 19.81
CA ARG A 31 -13.86 9.35 19.93
C ARG A 31 -13.89 8.76 21.34
N THR A 32 -13.87 9.62 22.35
CA THR A 32 -13.89 9.17 23.74
C THR A 32 -15.20 8.48 24.13
N ASP A 33 -16.26 8.75 23.38
CA ASP A 33 -17.55 8.12 23.67
C ASP A 33 -17.56 6.72 23.07
N LYS A 34 -17.07 6.59 21.84
CA LYS A 34 -16.99 5.30 21.18
C LYS A 34 -16.14 4.39 22.05
N LEU A 35 -15.08 4.97 22.61
CA LEU A 35 -14.18 4.24 23.47
C LEU A 35 -14.91 3.71 24.70
N ALA A 36 -15.52 4.62 25.46
CA ALA A 36 -16.25 4.27 26.67
C ALA A 36 -17.36 3.24 26.45
N GLN A 37 -18.00 3.31 25.29
CA GLN A 37 -19.08 2.37 24.95
C GLN A 37 -18.53 0.96 24.77
N ASP A 38 -17.47 0.85 23.96
CA ASP A 38 -16.85 -0.44 23.71
C ASP A 38 -16.40 -1.07 25.03
N ALA A 39 -15.82 -0.24 25.90
CA ALA A 39 -15.35 -0.71 27.20
C ALA A 39 -16.54 -1.24 28.01
N ASN A 40 -17.60 -0.44 28.09
CA ASN A 40 -18.80 -0.82 28.82
C ASN A 40 -19.38 -2.12 28.27
N ASP A 41 -19.42 -2.24 26.95
CA ASP A 41 -19.95 -3.44 26.30
C ASP A 41 -19.17 -4.69 26.71
N TYR A 42 -17.85 -4.57 26.79
CA TYR A 42 -17.03 -5.71 27.17
C TYR A 42 -17.19 -6.01 28.65
N TRP A 43 -17.06 -4.96 29.45
CA TRP A 43 -17.16 -5.08 30.90
C TRP A 43 -18.45 -5.75 31.33
N GLU A 44 -19.55 -5.38 30.68
CA GLU A 44 -20.86 -5.93 31.00
C GLU A 44 -21.01 -7.40 30.59
N ASP A 45 -20.12 -7.88 29.74
CA ASP A 45 -20.18 -9.28 29.30
C ASP A 45 -19.17 -10.16 30.01
N MET A 46 -18.30 -9.54 30.80
CA MET A 46 -17.29 -10.28 31.53
C MET A 46 -17.90 -11.23 32.53
N ASP A 47 -17.24 -12.36 32.74
CA ASP A 47 -17.69 -13.33 33.72
C ASP A 47 -16.85 -12.94 34.93
N LEU A 48 -17.47 -12.31 35.92
CA LEU A 48 -16.75 -11.85 37.09
C LEU A 48 -16.65 -12.83 38.24
N SER A 49 -17.14 -14.06 38.05
CA SER A 49 -17.08 -15.06 39.10
C SER A 49 -15.65 -15.54 39.33
N SER A 50 -15.24 -15.60 40.59
CA SER A 50 -13.89 -16.01 40.94
C SER A 50 -13.56 -17.40 40.41
N SER A 51 -14.59 -18.18 40.10
CA SER A 51 -14.39 -19.53 39.59
C SER A 51 -14.49 -19.61 38.07
N ARG A 52 -14.62 -18.45 37.43
CA ARG A 52 -14.73 -18.38 35.98
C ARG A 52 -13.66 -19.22 35.28
N THR A 53 -14.00 -19.69 34.09
CA THR A 53 -13.11 -20.51 33.29
C THR A 53 -12.68 -19.72 32.07
N TYR A 54 -13.03 -18.43 32.06
CA TYR A 54 -12.70 -17.53 30.97
C TYR A 54 -13.15 -16.12 31.32
N ILE A 55 -12.62 -15.13 30.62
CA ILE A 55 -13.00 -13.75 30.86
C ILE A 55 -14.26 -13.48 30.04
N TRP A 56 -14.21 -13.85 28.77
CA TRP A 56 -15.34 -13.69 27.87
C TRP A 56 -15.62 -15.03 27.21
N TYR A 57 -16.88 -15.43 27.22
CA TYR A 57 -17.28 -16.69 26.61
C TYR A 57 -16.92 -16.72 25.13
N ALA A 58 -17.13 -15.60 24.45
CA ALA A 58 -16.85 -15.49 23.01
C ALA A 58 -15.36 -15.48 22.68
N LEU A 59 -14.51 -15.62 23.69
CA LEU A 59 -13.06 -15.63 23.48
C LEU A 59 -12.37 -16.65 24.36
N ARG A 60 -13.10 -17.67 24.80
CA ARG A 60 -12.54 -18.70 25.65
C ARG A 60 -11.52 -19.56 24.90
N GLY A 61 -10.66 -20.24 25.65
CA GLY A 61 -9.63 -21.07 25.06
C GLY A 61 -8.29 -20.44 25.40
N ASN A 62 -7.81 -20.73 26.60
CA ASN A 62 -6.54 -20.19 27.09
C ASN A 62 -5.33 -20.53 26.23
N GLY A 63 -5.53 -21.39 25.23
CA GLY A 63 -4.43 -21.78 24.37
C GLY A 63 -4.54 -21.26 22.95
N THR A 64 -5.65 -20.60 22.65
CA THR A 64 -5.88 -20.05 21.32
C THR A 64 -5.34 -18.64 21.24
N SER A 65 -4.13 -18.50 20.69
CA SER A 65 -3.47 -17.21 20.57
C SER A 65 -4.40 -16.12 20.03
N ASP A 66 -5.17 -16.44 19.00
CA ASP A 66 -6.11 -15.49 18.42
C ASP A 66 -7.03 -14.93 19.50
N ASN A 67 -7.64 -15.82 20.28
CA ASN A 67 -8.55 -15.41 21.35
C ASN A 67 -7.86 -14.68 22.49
N VAL A 68 -6.75 -15.21 22.98
CA VAL A 68 -6.04 -14.57 24.07
C VAL A 68 -5.64 -13.16 23.66
N ASN A 69 -5.11 -13.02 22.44
CA ASN A 69 -4.70 -11.71 21.95
C ASN A 69 -5.90 -10.75 21.98
N ALA A 70 -7.07 -11.27 21.60
CA ALA A 70 -8.29 -10.47 21.58
C ALA A 70 -8.71 -10.09 23.00
N VAL A 71 -8.52 -11.02 23.94
CA VAL A 71 -8.86 -10.76 25.34
C VAL A 71 -8.02 -9.62 25.87
N TYR A 72 -6.72 -9.63 25.54
CA TYR A 72 -5.86 -8.57 26.03
C TYR A 72 -6.22 -7.24 25.36
N GLU A 73 -6.58 -7.29 24.09
CA GLU A 73 -6.97 -6.07 23.39
C GLU A 73 -8.14 -5.43 24.12
N ARG A 74 -9.18 -6.21 24.39
CA ARG A 74 -10.36 -5.71 25.08
C ARG A 74 -9.98 -5.06 26.42
N LEU A 75 -9.19 -5.77 27.20
CA LEU A 75 -8.74 -5.26 28.49
C LEU A 75 -7.97 -3.95 28.29
N ARG A 76 -7.29 -3.84 27.15
CA ARG A 76 -6.54 -2.62 26.86
C ARG A 76 -7.52 -1.50 26.58
N THR A 77 -8.56 -1.81 25.80
CA THR A 77 -9.57 -0.82 25.47
C THR A 77 -10.24 -0.33 26.75
N MET A 78 -10.56 -1.26 27.64
CA MET A 78 -11.20 -0.95 28.90
C MET A 78 -10.34 -0.03 29.74
N ALA A 79 -9.04 -0.31 29.79
CA ALA A 79 -8.10 0.49 30.56
C ALA A 79 -8.06 1.93 30.04
N LEU A 80 -8.02 2.08 28.71
CA LEU A 80 -7.98 3.40 28.10
C LEU A 80 -9.22 4.19 28.48
N ALA A 81 -10.38 3.56 28.34
CA ALA A 81 -11.64 4.21 28.70
C ALA A 81 -11.63 4.60 30.18
N ALA A 82 -10.90 3.84 30.98
CA ALA A 82 -10.81 4.11 32.41
C ALA A 82 -9.78 5.17 32.75
N THR A 83 -8.98 5.58 31.76
CA THR A 83 -7.95 6.57 32.01
C THR A 83 -7.94 7.78 31.07
N THR A 84 -8.88 7.83 30.14
CA THR A 84 -8.93 8.94 29.20
C THR A 84 -9.90 10.01 29.68
N VAL A 85 -9.37 11.19 29.96
CA VAL A 85 -10.18 12.32 30.40
C VAL A 85 -11.34 12.49 29.43
N GLY A 86 -12.54 12.68 29.98
CA GLY A 86 -13.71 12.85 29.13
C GLY A 86 -14.53 11.57 29.02
N SER A 87 -13.89 10.43 29.27
CA SER A 87 -14.56 9.14 29.21
C SER A 87 -15.57 9.01 30.35
N SER A 88 -16.65 8.29 30.10
CA SER A 88 -17.67 8.09 31.13
C SER A 88 -17.21 7.01 32.09
N LEU A 89 -15.97 6.57 31.94
CA LEU A 89 -15.40 5.53 32.79
C LEU A 89 -14.12 5.99 33.45
N TYR A 90 -13.70 7.21 33.15
CA TYR A 90 -12.47 7.75 33.73
C TYR A 90 -12.44 7.57 35.25
N GLY A 91 -11.33 7.04 35.76
CA GLY A 91 -11.17 6.85 37.19
C GLY A 91 -12.08 5.87 37.90
N ASN A 92 -12.93 5.16 37.16
CA ASN A 92 -13.84 4.20 37.78
C ASN A 92 -13.04 3.04 38.40
N ALA A 93 -12.88 3.08 39.71
CA ALA A 93 -12.15 2.05 40.44
C ALA A 93 -12.58 0.63 40.12
N ASP A 94 -13.89 0.38 40.12
CA ASP A 94 -14.41 -0.95 39.83
C ASP A 94 -13.89 -1.51 38.52
N LEU A 95 -13.92 -0.68 37.47
CA LEU A 95 -13.45 -1.10 36.17
C LEU A 95 -11.96 -1.46 36.28
N LYS A 96 -11.19 -0.56 36.88
CA LYS A 96 -9.76 -0.78 37.04
C LYS A 96 -9.48 -2.12 37.69
N GLU A 97 -10.17 -2.40 38.80
CA GLU A 97 -9.97 -3.66 39.53
C GLU A 97 -10.39 -4.87 38.73
N ASP A 98 -11.52 -4.77 38.02
CA ASP A 98 -11.99 -5.88 37.21
C ASP A 98 -10.98 -6.22 36.12
N ILE A 99 -10.29 -5.20 35.62
CA ILE A 99 -9.28 -5.38 34.59
C ILE A 99 -8.06 -6.10 35.17
N LEU A 100 -7.59 -5.62 36.32
CA LEU A 100 -6.44 -6.23 36.97
C LEU A 100 -6.72 -7.67 37.39
N ASP A 101 -7.94 -7.96 37.80
CA ASP A 101 -8.29 -9.33 38.19
C ASP A 101 -8.23 -10.22 36.96
N ALA A 102 -8.62 -9.66 35.82
CA ALA A 102 -8.61 -10.40 34.57
C ALA A 102 -7.18 -10.78 34.23
N LEU A 103 -6.27 -9.80 34.31
CA LEU A 103 -4.86 -10.05 34.01
C LEU A 103 -4.31 -11.15 34.90
N ASP A 104 -4.74 -11.17 36.16
CA ASP A 104 -4.28 -12.18 37.09
C ASP A 104 -4.82 -13.55 36.69
N TRP A 105 -6.11 -13.59 36.34
CA TRP A 105 -6.72 -14.84 35.93
C TRP A 105 -5.96 -15.38 34.71
N LEU A 106 -5.67 -14.47 33.76
CA LEU A 106 -4.96 -14.84 32.54
C LEU A 106 -3.56 -15.34 32.87
N TYR A 107 -2.87 -14.64 33.77
CA TYR A 107 -1.53 -15.05 34.17
C TYR A 107 -1.55 -16.48 34.67
N VAL A 108 -2.53 -16.77 35.54
CA VAL A 108 -2.68 -18.09 36.12
C VAL A 108 -3.11 -19.15 35.13
N ASN A 109 -4.09 -18.84 34.29
CA ASN A 109 -4.61 -19.83 33.37
C ASN A 109 -4.19 -19.78 31.91
N SER A 110 -3.53 -18.72 31.48
CA SER A 110 -3.18 -18.65 30.08
C SER A 110 -1.85 -18.03 29.68
N TYR A 111 -1.60 -16.79 30.08
CA TYR A 111 -0.34 -16.15 29.71
C TYR A 111 0.70 -16.20 30.82
N ASN A 112 1.60 -17.18 30.75
CA ASN A 112 2.66 -17.35 31.72
C ASN A 112 3.80 -18.15 31.12
N SER A 113 4.94 -18.20 31.82
CA SER A 113 6.12 -18.90 31.33
C SER A 113 6.10 -20.43 31.25
N THR A 114 4.93 -21.06 31.41
CA THR A 114 4.87 -22.50 31.29
C THR A 114 4.50 -22.87 29.85
N ARG A 115 4.09 -21.86 29.09
CA ARG A 115 3.72 -22.05 27.70
C ARG A 115 4.91 -21.91 26.77
N SER A 116 4.79 -22.49 25.57
CA SER A 116 5.85 -22.41 24.58
C SER A 116 5.88 -21.02 23.96
N ARG A 117 7.09 -20.51 23.73
CA ARG A 117 7.27 -19.20 23.14
C ARG A 117 6.93 -19.24 21.65
N SER A 118 7.05 -20.42 21.06
CA SER A 118 6.80 -20.58 19.63
C SER A 118 5.51 -21.29 19.22
N ALA A 119 4.59 -21.46 20.18
CA ALA A 119 3.32 -22.10 19.87
C ALA A 119 2.50 -21.18 18.97
N TYR A 120 1.72 -21.75 18.06
CA TYR A 120 0.89 -20.96 17.16
C TYR A 120 -0.13 -20.15 17.96
N ASN A 121 -0.20 -18.83 17.74
CA ASN A 121 0.63 -18.12 16.78
C ASN A 121 1.70 -17.38 17.58
N TRP A 122 2.96 -17.72 17.34
CA TRP A 122 4.07 -17.10 18.05
C TRP A 122 3.95 -15.57 18.11
N TRP A 123 3.43 -14.97 17.04
CA TRP A 123 3.28 -13.52 16.96
C TRP A 123 2.47 -12.94 18.10
N HIS A 124 1.38 -13.62 18.46
CA HIS A 124 0.51 -13.18 19.55
C HIS A 124 1.22 -13.28 20.89
N TRP A 125 1.84 -14.43 21.12
CA TRP A 125 2.55 -14.69 22.37
C TRP A 125 3.74 -13.78 22.63
N GLN A 126 4.51 -13.50 21.57
CA GLN A 126 5.70 -12.67 21.73
C GLN A 126 5.52 -11.18 21.49
N LEU A 127 4.62 -10.80 20.58
CA LEU A 127 4.44 -9.40 20.25
C LEU A 127 3.05 -8.83 20.55
N GLY A 128 2.02 -9.43 19.96
CA GLY A 128 0.66 -8.96 20.14
C GLY A 128 0.18 -8.79 21.58
N ILE A 129 0.34 -9.84 22.38
CA ILE A 129 -0.11 -9.77 23.76
C ILE A 129 0.78 -8.83 24.57
N PRO A 130 2.11 -8.97 24.47
CA PRO A 130 2.95 -8.05 25.24
C PRO A 130 2.65 -6.57 24.97
N MET A 131 2.43 -6.22 23.70
CA MET A 131 2.14 -4.83 23.36
C MET A 131 0.89 -4.31 24.07
N SER A 132 -0.11 -5.18 24.21
CA SER A 132 -1.35 -4.80 24.90
C SER A 132 -1.15 -4.75 26.41
N LEU A 133 -0.50 -5.77 26.96
CA LEU A 133 -0.26 -5.82 28.40
C LEU A 133 0.62 -4.65 28.86
N ASN A 134 1.65 -4.31 28.10
CA ASN A 134 2.50 -3.18 28.49
C ASN A 134 1.64 -1.93 28.59
N ASP A 135 0.83 -1.67 27.55
CA ASP A 135 -0.02 -0.50 27.56
C ASP A 135 -0.90 -0.49 28.81
N ILE A 136 -1.50 -1.62 29.14
CA ILE A 136 -2.35 -1.69 30.33
C ILE A 136 -1.55 -1.35 31.57
N ALA A 137 -0.38 -1.98 31.71
CA ALA A 137 0.48 -1.77 32.87
C ALA A 137 0.83 -0.29 33.01
N VAL A 138 1.06 0.38 31.89
CA VAL A 138 1.39 1.79 31.91
C VAL A 138 0.21 2.64 32.35
N LEU A 139 -0.97 2.31 31.86
CA LEU A 139 -2.20 3.05 32.17
C LEU A 139 -2.65 2.91 33.62
N LEU A 140 -2.72 1.68 34.10
CA LEU A 140 -3.14 1.41 35.48
C LEU A 140 -1.93 1.19 36.38
N TYR A 141 -0.79 1.76 35.97
CA TYR A 141 0.45 1.64 36.72
C TYR A 141 0.24 1.87 38.22
N ASP A 142 -0.26 3.05 38.56
CA ASP A 142 -0.48 3.42 39.95
C ASP A 142 -1.32 2.43 40.75
N ASP A 143 -2.29 1.80 40.09
CA ASP A 143 -3.16 0.87 40.79
C ASP A 143 -2.64 -0.57 40.74
N ILE A 144 -1.45 -0.76 40.16
CA ILE A 144 -0.88 -2.10 40.08
C ILE A 144 0.15 -2.33 41.19
N SER A 145 -0.10 -3.35 42.01
CA SER A 145 0.80 -3.68 43.10
C SER A 145 2.06 -4.32 42.52
N ALA A 146 3.11 -4.39 43.33
CA ALA A 146 4.37 -4.99 42.88
C ALA A 146 4.14 -6.44 42.48
N ALA A 147 3.52 -7.20 43.38
CA ALA A 147 3.23 -8.62 43.13
C ALA A 147 2.62 -8.84 41.75
N ARG A 148 1.66 -7.99 41.40
CA ARG A 148 0.99 -8.09 40.10
C ARG A 148 1.88 -7.71 38.93
N MET A 149 2.57 -6.59 39.06
CA MET A 149 3.44 -6.12 37.98
C MET A 149 4.46 -7.20 37.65
N ALA A 150 4.96 -7.88 38.69
CA ALA A 150 5.94 -8.94 38.51
C ALA A 150 5.43 -10.02 37.55
N THR A 151 4.24 -10.53 37.83
CA THR A 151 3.64 -11.56 36.99
C THR A 151 3.42 -11.11 35.56
N TYR A 152 3.10 -9.83 35.38
CA TYR A 152 2.86 -9.29 34.05
C TYR A 152 4.19 -9.13 33.30
N MET A 153 5.07 -8.29 33.86
CA MET A 153 6.37 -8.03 33.26
C MET A 153 7.29 -9.25 33.16
N ASP A 154 7.29 -10.11 34.18
CA ASP A 154 8.15 -11.28 34.12
C ASP A 154 7.74 -12.16 32.95
N THR A 155 6.44 -12.22 32.67
CA THR A 155 5.93 -13.05 31.58
C THR A 155 6.36 -12.49 30.23
N ILE A 156 6.30 -11.18 30.09
CA ILE A 156 6.71 -10.54 28.84
C ILE A 156 8.20 -10.79 28.60
N ASP A 157 9.00 -10.65 29.66
CA ASP A 157 10.45 -10.85 29.54
C ASP A 157 10.74 -12.29 29.09
N TYR A 158 9.91 -13.22 29.52
CA TYR A 158 10.06 -14.61 29.13
C TYR A 158 9.82 -14.79 27.63
N PHE A 159 8.70 -14.27 27.16
CA PHE A 159 8.33 -14.37 25.75
C PHE A 159 9.20 -13.57 24.80
N THR A 160 9.58 -12.37 25.21
CA THR A 160 10.41 -11.50 24.36
C THR A 160 11.42 -10.74 25.21
N PRO A 161 12.52 -11.41 25.59
CA PRO A 161 13.56 -10.77 26.41
C PRO A 161 14.48 -9.87 25.61
N SER A 162 14.51 -10.07 24.30
CA SER A 162 15.40 -9.28 23.46
C SER A 162 14.92 -9.03 22.03
N ILE A 163 15.69 -8.23 21.32
CA ILE A 163 15.40 -7.86 19.94
C ILE A 163 16.35 -8.60 19.01
N GLY A 164 15.80 -9.44 18.15
CA GLY A 164 16.65 -10.18 17.23
C GLY A 164 16.10 -10.42 15.83
N LEU A 165 14.84 -10.12 15.61
CA LEU A 165 14.24 -10.34 14.29
C LEU A 165 14.58 -9.23 13.30
N THR A 166 13.75 -9.04 12.29
CA THR A 166 14.00 -8.00 11.29
C THR A 166 12.70 -7.31 10.90
N GLY A 167 12.81 -6.15 10.27
CA GLY A 167 11.64 -5.41 9.83
C GLY A 167 10.60 -5.20 10.92
N ALA A 168 9.34 -5.35 10.54
CA ALA A 168 8.22 -5.16 11.47
C ALA A 168 8.38 -5.95 12.77
N ALA A 169 8.74 -7.22 12.65
CA ALA A 169 8.92 -8.07 13.83
C ALA A 169 9.94 -7.46 14.78
N ARG A 170 11.07 -7.03 14.23
CA ARG A 170 12.14 -6.44 15.04
C ARG A 170 11.64 -5.18 15.75
N ALA A 171 10.94 -4.32 15.02
CA ALA A 171 10.41 -3.10 15.59
C ALA A 171 9.42 -3.43 16.70
N TRP A 172 8.57 -4.41 16.46
CA TRP A 172 7.59 -4.80 17.47
C TRP A 172 8.30 -5.30 18.71
N GLN A 173 9.39 -6.05 18.52
CA GLN A 173 10.16 -6.55 19.66
C GLN A 173 10.77 -5.37 20.40
N ALA A 174 11.24 -4.38 19.64
CA ALA A 174 11.86 -3.19 20.23
C ALA A 174 10.89 -2.39 21.10
N ILE A 175 9.66 -2.23 20.63
CA ILE A 175 8.68 -1.48 21.39
C ILE A 175 8.19 -2.30 22.58
N VAL A 176 8.25 -3.62 22.43
CA VAL A 176 7.83 -4.50 23.52
C VAL A 176 8.91 -4.44 24.61
N VAL A 177 10.16 -4.65 24.23
CA VAL A 177 11.27 -4.61 25.17
C VAL A 177 11.39 -3.21 25.77
N GLY A 178 11.15 -2.20 24.94
CA GLY A 178 11.25 -0.83 25.40
C GLY A 178 10.26 -0.38 26.46
N VAL A 179 8.97 -0.51 26.16
CA VAL A 179 7.97 -0.08 27.13
C VAL A 179 8.07 -0.87 28.43
N ARG A 180 8.39 -2.16 28.34
CA ARG A 180 8.54 -2.94 29.55
C ARG A 180 9.73 -2.39 30.33
N ALA A 181 10.79 -2.02 29.60
CA ALA A 181 11.99 -1.47 30.19
C ALA A 181 11.67 -0.20 30.99
N VAL A 182 10.78 0.63 30.44
CA VAL A 182 10.38 1.85 31.10
C VAL A 182 9.58 1.51 32.35
N ILE A 183 8.75 0.49 32.24
CA ILE A 183 7.91 0.05 33.35
C ILE A 183 8.74 -0.47 34.52
N VAL A 184 9.61 -1.45 34.26
CA VAL A 184 10.44 -2.03 35.30
C VAL A 184 11.68 -1.19 35.59
N LYS A 185 11.85 -0.12 34.81
CA LYS A 185 12.98 0.79 34.97
C LYS A 185 14.34 0.13 34.73
N ASP A 186 14.44 -0.61 33.63
CA ASP A 186 15.66 -1.31 33.25
C ASP A 186 16.38 -0.52 32.15
N ALA A 187 17.36 0.29 32.54
CA ALA A 187 18.10 1.10 31.58
C ALA A 187 18.84 0.28 30.53
N VAL A 188 19.28 -0.92 30.88
CA VAL A 188 19.98 -1.77 29.92
C VAL A 188 19.04 -2.18 28.79
N LYS A 189 17.91 -2.78 29.17
CA LYS A 189 16.92 -3.22 28.20
C LYS A 189 16.43 -2.02 27.39
N LEU A 190 16.20 -0.89 28.06
CA LEU A 190 15.72 0.30 27.38
C LEU A 190 16.70 0.76 26.31
N ALA A 191 17.99 0.63 26.57
CA ALA A 191 19.01 1.02 25.61
C ALA A 191 18.99 0.03 24.44
N ALA A 192 18.78 -1.24 24.76
CA ALA A 192 18.72 -2.28 23.74
C ALA A 192 17.54 -1.99 22.82
N ALA A 193 16.45 -1.47 23.40
CA ALA A 193 15.25 -1.15 22.63
C ALA A 193 15.60 -0.06 21.61
N ARG A 194 16.36 0.94 22.07
CA ARG A 194 16.78 2.03 21.21
C ARG A 194 17.66 1.51 20.08
N ASN A 195 18.62 0.66 20.42
CA ASN A 195 19.54 0.11 19.43
C ASN A 195 18.81 -0.78 18.44
N GLY A 196 17.71 -1.38 18.88
CA GLY A 196 16.93 -2.25 18.03
C GLY A 196 16.56 -1.61 16.72
N LEU A 197 16.30 -0.30 16.74
CA LEU A 197 15.90 0.44 15.54
C LEU A 197 16.96 0.54 14.46
N SER A 198 18.22 0.29 14.81
CA SER A 198 19.31 0.37 13.84
C SER A 198 19.47 -0.93 13.07
N GLY A 199 18.74 -1.96 13.51
CA GLY A 199 18.82 -3.27 12.88
C GLY A 199 18.18 -3.42 11.51
N THR A 200 18.45 -4.57 10.91
CA THR A 200 17.94 -4.93 9.60
C THR A 200 16.44 -4.72 9.42
N GLY A 201 16.06 -4.12 8.30
CA GLY A 201 14.66 -3.86 8.02
C GLY A 201 14.08 -2.62 8.66
N ILE A 202 14.91 -1.80 9.29
CA ILE A 202 14.42 -0.59 9.91
C ILE A 202 15.19 0.64 9.39
N PHE A 203 15.98 1.29 10.23
CA PHE A 203 16.73 2.48 9.80
C PHE A 203 17.56 2.33 8.51
N PRO A 204 18.41 1.29 8.44
CA PRO A 204 19.26 1.09 7.25
C PRO A 204 18.55 0.58 6.01
N TYR A 205 18.84 1.21 4.88
CA TYR A 205 18.23 0.82 3.61
C TYR A 205 18.61 -0.60 3.28
N ALA A 206 17.66 -1.33 2.69
CA ALA A 206 17.89 -2.70 2.29
C ALA A 206 18.29 -2.73 0.81
N THR A 207 19.15 -3.67 0.45
CA THR A 207 19.59 -3.81 -0.93
C THR A 207 19.08 -5.17 -1.38
N GLY A 208 18.38 -5.81 -0.47
CA GLY A 208 17.81 -7.13 -0.70
C GLY A 208 17.13 -7.57 0.59
N GLY A 209 16.04 -8.32 0.46
CA GLY A 209 15.35 -8.78 1.64
C GLY A 209 14.34 -7.77 2.17
N ASP A 210 13.98 -7.92 3.44
CA ASP A 210 13.02 -7.05 4.08
C ASP A 210 13.58 -5.67 4.41
N GLY A 211 12.71 -4.66 4.33
CA GLY A 211 13.13 -3.31 4.64
C GLY A 211 12.80 -2.28 3.58
N PHE A 212 13.07 -1.03 3.91
CA PHE A 212 12.84 0.08 2.99
C PHE A 212 14.03 0.15 2.05
N TYR A 213 13.77 0.45 0.78
CA TYR A 213 14.83 0.58 -0.22
C TYR A 213 15.09 2.04 -0.52
N ALA A 214 16.26 2.34 -1.07
CA ALA A 214 16.58 3.72 -1.38
C ALA A 214 15.64 4.29 -2.46
N ASP A 215 15.12 3.43 -3.32
CA ASP A 215 14.22 3.90 -4.37
C ASP A 215 12.79 4.16 -3.88
N GLY A 216 12.55 3.94 -2.59
CA GLY A 216 11.24 4.18 -2.03
C GLY A 216 10.40 2.95 -1.76
N SER A 217 10.84 1.80 -2.26
CA SER A 217 10.12 0.55 -2.08
C SER A 217 10.22 0.01 -0.66
N PHE A 218 9.33 -0.91 -0.34
CA PHE A 218 9.35 -1.59 0.96
C PHE A 218 9.02 -3.06 0.73
N VAL A 219 9.88 -3.94 1.24
CA VAL A 219 9.67 -5.37 1.08
C VAL A 219 9.61 -6.06 2.44
N GLN A 220 8.80 -7.10 2.54
CA GLN A 220 8.69 -7.86 3.79
C GLN A 220 8.50 -9.32 3.41
N HIS A 221 9.02 -10.22 4.24
CA HIS A 221 8.91 -11.64 3.95
C HIS A 221 9.62 -12.00 2.64
N THR A 222 10.75 -11.33 2.39
CA THR A 222 11.58 -11.59 1.22
C THR A 222 11.10 -11.19 -0.17
N THR A 223 9.88 -11.54 -0.54
CA THR A 223 9.42 -11.23 -1.90
C THR A 223 8.12 -10.47 -2.05
N PHE A 224 7.59 -9.91 -0.96
CA PHE A 224 6.34 -9.19 -1.08
C PHE A 224 6.39 -7.67 -0.92
N ALA A 225 5.71 -6.97 -1.82
CA ALA A 225 5.61 -5.50 -1.78
C ALA A 225 4.73 -5.25 -0.56
N TYR A 226 5.27 -4.56 0.45
CA TYR A 226 4.52 -4.35 1.68
C TYR A 226 4.54 -2.99 2.37
N THR A 227 4.75 -1.92 1.61
CA THR A 227 4.79 -0.59 2.19
C THR A 227 3.55 -0.28 3.06
N GLY A 228 2.37 -0.57 2.52
CA GLY A 228 1.14 -0.31 3.23
C GLY A 228 0.66 -1.34 4.25
N GLY A 229 1.38 -2.45 4.37
CA GLY A 229 0.99 -3.47 5.34
C GLY A 229 2.01 -3.48 6.47
N TYR A 230 3.04 -4.30 6.31
CA TYR A 230 4.10 -4.39 7.31
C TYR A 230 4.86 -3.06 7.39
N GLY A 231 4.94 -2.33 6.28
CA GLY A 231 5.64 -1.06 6.28
C GLY A 231 4.95 -0.05 7.19
N SER A 232 3.63 -0.06 7.17
CA SER A 232 2.85 0.84 8.01
C SER A 232 3.18 0.54 9.46
N SER A 233 3.29 -0.75 9.78
CA SER A 233 3.60 -1.19 11.12
C SER A 233 4.99 -0.70 11.56
N VAL A 234 6.00 -0.89 10.70
CA VAL A 234 7.35 -0.44 11.02
C VAL A 234 7.32 1.08 11.24
N LEU A 235 6.56 1.79 10.40
CA LEU A 235 6.47 3.24 10.54
C LEU A 235 5.83 3.65 11.86
N GLU A 236 4.70 3.03 12.17
CA GLU A 236 3.98 3.34 13.39
C GLU A 236 4.82 3.06 14.64
N THR A 237 5.38 1.86 14.71
CA THR A 237 6.18 1.47 15.85
C THR A 237 7.46 2.27 15.99
N THR A 238 8.12 2.55 14.85
CA THR A 238 9.35 3.32 14.84
C THR A 238 9.08 4.73 15.32
N ALA A 239 7.98 5.32 14.83
CA ALA A 239 7.61 6.67 15.21
C ALA A 239 7.28 6.76 16.70
N ASN A 240 6.52 5.78 17.20
CA ASN A 240 6.14 5.78 18.60
C ASN A 240 7.33 5.65 19.54
N LEU A 241 8.26 4.76 19.20
CA LEU A 241 9.43 4.54 20.04
C LEU A 241 10.41 5.72 19.96
N MET A 242 10.65 6.22 18.76
CA MET A 242 11.54 7.36 18.58
C MET A 242 11.00 8.55 19.38
N TYR A 243 9.71 8.84 19.22
CA TYR A 243 9.12 9.96 19.93
C TYR A 243 9.25 9.77 21.44
N LEU A 244 8.97 8.56 21.92
CA LEU A 244 9.06 8.27 23.34
C LEU A 244 10.45 8.59 23.89
N LEU A 245 11.47 8.02 23.25
CA LEU A 245 12.85 8.19 23.67
C LEU A 245 13.40 9.59 23.45
N SER A 246 12.94 10.25 22.39
CA SER A 246 13.40 11.59 22.06
C SER A 246 13.61 12.52 23.25
N GLY A 247 14.80 13.10 23.33
CA GLY A 247 15.11 14.03 24.40
C GLY A 247 15.53 13.39 25.70
N SER A 248 15.51 12.06 25.76
CA SER A 248 15.88 11.37 26.99
C SER A 248 17.29 10.80 26.89
N THR A 249 17.77 10.29 28.01
CA THR A 249 19.09 9.68 28.09
C THR A 249 19.28 8.65 26.98
N TRP A 250 18.17 8.04 26.55
CA TRP A 250 18.21 7.00 25.51
C TRP A 250 17.65 7.46 24.17
N SER A 251 17.77 8.74 23.87
CA SER A 251 17.27 9.27 22.60
C SER A 251 17.99 8.55 21.45
N VAL A 252 17.31 8.40 20.33
CA VAL A 252 17.91 7.71 19.18
C VAL A 252 18.99 8.60 18.56
N SER A 253 20.23 8.11 18.60
CA SER A 253 21.35 8.86 18.06
C SER A 253 21.84 8.32 16.72
N ASP A 254 21.30 7.19 16.29
CA ASP A 254 21.71 6.60 15.02
C ASP A 254 21.44 7.57 13.87
N PRO A 255 22.49 8.02 13.18
CA PRO A 255 22.36 8.96 12.05
C PRO A 255 21.40 8.46 10.99
N ASN A 256 21.29 7.14 10.84
CA ASN A 256 20.40 6.56 9.84
C ASN A 256 18.93 6.90 10.11
N GLN A 257 18.64 7.41 11.28
CA GLN A 257 17.26 7.74 11.61
C GLN A 257 16.68 8.78 10.66
N SER A 258 17.53 9.48 9.93
CA SER A 258 17.05 10.48 8.98
C SER A 258 16.43 9.77 7.77
N ASN A 259 16.71 8.48 7.64
CA ASN A 259 16.16 7.69 6.54
C ASN A 259 14.63 7.70 6.70
N VAL A 260 14.20 7.72 7.95
CA VAL A 260 12.79 7.74 8.31
C VAL A 260 12.04 8.85 7.59
N TRP A 261 12.68 10.01 7.46
CA TRP A 261 12.05 11.14 6.80
C TRP A 261 11.77 10.78 5.34
N GLN A 262 12.73 10.10 4.71
CA GLN A 262 12.57 9.68 3.32
C GLN A 262 11.45 8.68 3.10
N TRP A 263 11.23 7.79 4.06
CA TRP A 263 10.15 6.81 3.95
C TRP A 263 8.86 7.60 3.64
N ILE A 264 8.64 8.66 4.40
CA ILE A 264 7.44 9.47 4.23
C ILE A 264 7.36 10.12 2.85
N TYR A 265 8.43 10.82 2.48
CA TYR A 265 8.49 11.51 1.20
C TYR A 265 8.47 10.57 0.01
N GLU A 266 9.31 9.54 0.07
CA GLU A 266 9.44 8.60 -1.04
C GLU A 266 8.65 7.30 -0.99
N ALA A 267 8.47 6.72 0.20
CA ALA A 267 7.76 5.45 0.32
C ALA A 267 6.26 5.53 0.54
N TYR A 268 5.80 6.57 1.24
CA TYR A 268 4.39 6.73 1.53
C TYR A 268 3.62 7.80 0.75
N ARG A 269 4.12 9.03 0.78
CA ARG A 269 3.48 10.13 0.08
C ARG A 269 3.00 9.79 -1.33
N PRO A 270 3.85 9.14 -2.15
CA PRO A 270 3.44 8.79 -3.51
C PRO A 270 2.35 7.73 -3.60
N LEU A 271 2.23 6.91 -2.55
CA LEU A 271 1.24 5.84 -2.54
C LEU A 271 -0.02 6.16 -1.74
N LEU A 272 -0.26 7.44 -1.50
CA LEU A 272 -1.46 7.86 -0.78
C LEU A 272 -2.35 8.66 -1.71
N TYR A 273 -3.65 8.39 -1.68
CA TYR A 273 -4.55 9.15 -2.51
C TYR A 273 -5.79 9.57 -1.74
N LYS A 274 -5.77 10.82 -1.30
CA LYS A 274 -6.85 11.40 -0.53
C LYS A 274 -7.23 10.57 0.70
N GLY A 275 -6.22 10.08 1.41
CA GLY A 275 -6.50 9.32 2.62
C GLY A 275 -6.37 7.80 2.50
N ALA A 276 -6.38 7.29 1.28
CA ALA A 276 -6.26 5.86 1.08
C ALA A 276 -4.82 5.43 0.82
N MET A 277 -4.40 4.35 1.49
CA MET A 277 -3.08 3.80 1.28
C MET A 277 -3.30 2.66 0.27
N MET A 278 -2.78 2.83 -0.94
CA MET A 278 -2.96 1.85 -2.01
C MET A 278 -2.79 0.38 -1.62
N ASP A 279 -3.81 -0.42 -1.93
CA ASP A 279 -3.84 -1.85 -1.62
C ASP A 279 -2.71 -2.65 -2.25
N MET A 280 -2.19 -2.22 -3.40
CA MET A 280 -1.14 -2.98 -4.08
C MET A 280 0.12 -3.14 -3.23
N VAL A 281 0.24 -2.38 -2.16
CA VAL A 281 1.39 -2.49 -1.27
C VAL A 281 0.95 -2.94 0.13
N ARG A 282 -0.23 -3.54 0.23
CA ARG A 282 -0.73 -3.99 1.52
C ARG A 282 -0.71 -5.50 1.72
N GLY A 283 -0.21 -6.22 0.71
CA GLY A 283 -0.11 -7.67 0.82
C GLY A 283 -1.41 -8.36 1.19
N ARG A 284 -1.32 -9.35 2.08
CA ARG A 284 -2.51 -10.08 2.47
C ARG A 284 -3.46 -9.28 3.35
N GLU A 285 -3.04 -8.09 3.75
CA GLU A 285 -3.89 -7.26 4.60
C GLU A 285 -5.10 -6.70 3.87
N ILE A 286 -5.13 -6.83 2.55
CA ILE A 286 -6.29 -6.34 1.79
C ILE A 286 -7.51 -7.18 2.16
N SER A 287 -7.27 -8.37 2.70
CA SER A 287 -8.36 -9.27 3.09
C SER A 287 -8.83 -8.99 4.53
N ARG A 288 -8.36 -7.89 5.11
CA ARG A 288 -8.74 -7.52 6.48
C ARG A 288 -9.77 -6.40 6.50
N SER A 289 -10.97 -6.73 6.97
CA SER A 289 -12.07 -5.78 7.04
C SER A 289 -11.75 -4.52 7.84
N TYR A 290 -10.98 -4.67 8.92
CA TYR A 290 -10.62 -3.52 9.76
C TYR A 290 -9.46 -2.71 9.22
N ALA A 291 -8.90 -3.14 8.09
CA ALA A 291 -7.78 -2.43 7.50
C ALA A 291 -7.97 -2.17 6.01
N GLN A 292 -9.06 -1.49 5.67
CA GLN A 292 -9.31 -1.15 4.29
C GLN A 292 -8.44 0.06 3.97
N ASP A 293 -8.26 0.39 2.69
CA ASP A 293 -7.32 1.46 2.34
C ASP A 293 -7.35 2.80 3.09
N HIS A 294 -8.53 3.33 3.37
CA HIS A 294 -8.59 4.59 4.10
C HIS A 294 -8.28 4.42 5.59
N ALA A 295 -8.69 3.31 6.16
CA ALA A 295 -8.40 3.05 7.57
C ALA A 295 -6.90 2.96 7.75
N VAL A 296 -6.23 2.35 6.76
CA VAL A 296 -4.78 2.21 6.79
C VAL A 296 -4.10 3.56 6.58
N GLY A 297 -4.58 4.32 5.59
CA GLY A 297 -4.00 5.63 5.35
C GLY A 297 -4.08 6.51 6.60
N HIS A 298 -5.22 6.47 7.29
CA HIS A 298 -5.40 7.26 8.50
C HIS A 298 -4.28 6.91 9.48
N GLY A 299 -3.92 5.63 9.51
CA GLY A 299 -2.88 5.17 10.41
C GLY A 299 -1.52 5.73 10.04
N ILE A 300 -1.27 5.87 8.74
CA ILE A 300 -0.01 6.40 8.29
C ILE A 300 0.10 7.89 8.61
N VAL A 301 -1.02 8.60 8.50
CA VAL A 301 -0.99 10.03 8.81
C VAL A 301 -0.80 10.22 10.31
N ALA A 302 -1.36 9.30 11.09
CA ALA A 302 -1.21 9.37 12.54
C ALA A 302 0.28 9.30 12.84
N SER A 303 0.99 8.42 12.13
CA SER A 303 2.42 8.26 12.33
C SER A 303 3.18 9.51 11.92
N ILE A 304 2.74 10.15 10.84
CA ILE A 304 3.38 11.37 10.37
C ILE A 304 3.22 12.46 11.42
N VAL A 305 2.04 12.50 12.04
CA VAL A 305 1.75 13.47 13.08
C VAL A 305 2.62 13.18 14.30
N ARG A 306 2.87 11.90 14.56
CA ARG A 306 3.69 11.51 15.70
C ARG A 306 5.13 11.98 15.46
N LEU A 307 5.61 11.84 14.23
CA LEU A 307 6.97 12.27 13.88
C LEU A 307 7.11 13.79 13.91
N ALA A 308 6.04 14.50 13.57
CA ALA A 308 6.08 15.96 13.56
C ALA A 308 6.42 16.49 14.95
N GLN A 309 6.13 15.67 15.97
CA GLN A 309 6.36 16.04 17.36
C GLN A 309 7.83 16.18 17.77
N PHE A 310 8.71 15.37 17.18
CA PHE A 310 10.12 15.42 17.54
C PHE A 310 11.08 15.59 16.38
N ALA A 311 10.64 15.26 15.16
CA ALA A 311 11.51 15.37 14.00
C ALA A 311 12.11 16.77 13.93
N PRO A 312 13.32 16.89 13.35
CA PRO A 312 13.99 18.18 13.22
C PRO A 312 13.49 18.96 12.01
N ALA A 313 14.01 20.17 11.84
CA ALA A 313 13.62 21.02 10.72
C ALA A 313 14.40 20.59 9.48
N PRO A 314 13.79 20.71 8.30
CA PRO A 314 12.43 21.22 8.05
C PRO A 314 11.41 20.10 7.93
N HIS A 315 11.76 18.94 8.48
CA HIS A 315 10.90 17.77 8.40
C HIS A 315 9.62 17.88 9.21
N ALA A 316 9.74 18.22 10.50
CA ALA A 316 8.56 18.35 11.34
C ALA A 316 7.50 19.19 10.61
N ALA A 317 7.94 20.33 10.05
CA ALA A 317 7.05 21.23 9.32
C ALA A 317 6.42 20.59 8.09
N ALA A 318 7.23 19.91 7.29
CA ALA A 318 6.74 19.25 6.09
C ALA A 318 5.73 18.18 6.48
N PHE A 319 6.04 17.44 7.54
CA PHE A 319 5.15 16.39 8.02
C PHE A 319 3.76 16.97 8.33
N LYS A 320 3.74 18.12 9.02
CA LYS A 320 2.48 18.77 9.37
C LYS A 320 1.68 19.17 8.15
N GLN A 321 2.36 19.71 7.14
CA GLN A 321 1.72 20.14 5.90
C GLN A 321 1.14 18.94 5.13
N ILE A 322 1.86 17.84 5.14
CA ILE A 322 1.39 16.63 4.48
C ILE A 322 0.17 16.10 5.22
N ALA A 323 0.28 15.99 6.55
CA ALA A 323 -0.81 15.50 7.36
C ALA A 323 -2.04 16.34 7.13
N LYS A 324 -1.89 17.66 7.21
CA LYS A 324 -3.00 18.58 7.04
C LYS A 324 -3.73 18.34 5.72
N ARG A 325 -2.97 18.28 4.63
CA ARG A 325 -3.56 18.07 3.33
C ARG A 325 -4.37 16.79 3.28
N VAL A 326 -3.80 15.70 3.78
CA VAL A 326 -4.49 14.41 3.76
C VAL A 326 -5.77 14.42 4.58
N ILE A 327 -5.73 15.00 5.77
CA ILE A 327 -6.92 15.06 6.59
C ILE A 327 -8.02 15.85 5.88
N GLN A 328 -7.64 16.92 5.19
CA GLN A 328 -8.61 17.74 4.46
C GLN A 328 -9.13 17.03 3.22
N GLU A 329 -8.28 16.24 2.58
CA GLU A 329 -8.64 15.50 1.37
C GLU A 329 -9.67 14.38 1.57
N ASP A 330 -9.53 13.64 2.66
CA ASP A 330 -10.41 12.49 2.92
C ASP A 330 -11.82 12.78 3.40
N THR A 331 -12.73 12.87 2.44
CA THR A 331 -14.13 13.13 2.70
C THR A 331 -14.95 11.84 2.72
N PHE A 332 -14.27 10.70 2.76
CA PHE A 332 -14.94 9.40 2.79
C PHE A 332 -15.06 8.92 4.24
N SER A 333 -13.95 9.04 4.95
CA SER A 333 -13.85 8.62 6.34
C SER A 333 -13.12 9.69 7.12
N SER A 334 -13.74 10.18 8.19
CA SER A 334 -13.12 11.19 9.02
C SER A 334 -11.83 10.66 9.63
N PHE A 335 -10.73 11.34 9.36
CA PHE A 335 -9.43 10.94 9.88
C PHE A 335 -9.46 10.77 11.40
N TYR A 336 -10.14 11.68 12.08
CA TYR A 336 -10.21 11.64 13.53
C TYR A 336 -11.02 10.45 14.04
N GLY A 337 -11.93 9.97 13.20
CA GLY A 337 -12.78 8.86 13.55
C GLY A 337 -12.16 7.53 13.95
N ASP A 338 -10.95 7.24 13.47
CA ASP A 338 -10.35 5.96 13.82
C ASP A 338 -8.89 5.99 14.23
N VAL A 339 -8.48 7.08 14.88
CA VAL A 339 -7.11 7.22 15.38
C VAL A 339 -7.18 7.57 16.87
N SER A 340 -6.05 7.48 17.56
CA SER A 340 -6.01 7.74 19.00
C SER A 340 -6.50 9.14 19.36
N THR A 341 -6.89 9.32 20.62
CA THR A 341 -7.36 10.62 21.08
C THR A 341 -6.18 11.58 21.10
N ASP A 342 -4.98 11.05 21.31
CA ASP A 342 -3.79 11.87 21.32
C ASP A 342 -3.50 12.33 19.88
N THR A 343 -3.78 11.46 18.91
CA THR A 343 -3.55 11.80 17.51
C THR A 343 -4.48 12.93 17.15
N ILE A 344 -5.74 12.79 17.54
CA ILE A 344 -6.74 13.81 17.29
C ILE A 344 -6.27 15.13 17.87
N ARG A 345 -5.82 15.09 19.12
CA ARG A 345 -5.34 16.30 19.80
C ARG A 345 -4.21 16.97 19.02
N LEU A 346 -3.16 16.23 18.72
CA LEU A 346 -2.02 16.77 18.00
C LEU A 346 -2.37 17.15 16.55
N ALA A 347 -3.36 16.47 15.98
CA ALA A 347 -3.77 16.73 14.61
C ALA A 347 -4.63 17.98 14.49
N LYS A 348 -5.59 18.14 15.42
CA LYS A 348 -6.45 19.31 15.39
C LYS A 348 -5.59 20.55 15.52
N ALA A 349 -4.54 20.44 16.33
CA ALA A 349 -3.61 21.53 16.54
C ALA A 349 -2.91 21.91 15.24
N ILE A 350 -2.66 20.93 14.38
CA ILE A 350 -2.02 21.19 13.10
C ILE A 350 -3.04 21.76 12.11
N VAL A 351 -4.21 21.16 12.06
CA VAL A 351 -5.25 21.59 11.15
C VAL A 351 -5.79 22.98 11.48
N ASP A 352 -5.92 23.27 12.77
CA ASP A 352 -6.41 24.58 13.20
C ASP A 352 -5.35 25.67 13.25
N ASP A 353 -4.14 25.36 12.80
CA ASP A 353 -3.05 26.35 12.78
C ASP A 353 -3.01 27.00 11.40
N PRO A 354 -3.43 28.27 11.31
CA PRO A 354 -3.45 29.01 10.04
C PRO A 354 -2.09 29.23 9.40
N SER A 355 -1.02 29.11 10.18
CA SER A 355 0.32 29.30 9.65
C SER A 355 0.80 28.06 8.90
N ILE A 356 0.07 26.95 9.04
CA ILE A 356 0.43 25.73 8.34
C ILE A 356 -0.47 25.53 7.14
N ALA A 357 0.14 25.51 5.96
CA ALA A 357 -0.57 25.33 4.72
C ALA A 357 -0.47 23.87 4.26
N PRO A 358 -1.54 23.37 3.63
CA PRO A 358 -1.56 21.99 3.14
C PRO A 358 -0.47 21.83 2.10
N ALA A 359 0.29 20.74 2.16
CA ALA A 359 1.35 20.54 1.17
C ALA A 359 0.67 20.34 -0.18
N ALA A 360 1.44 20.47 -1.25
CA ALA A 360 0.89 20.27 -2.58
C ALA A 360 0.64 18.77 -2.75
N ALA A 361 -0.33 18.42 -3.58
CA ALA A 361 -0.61 17.02 -3.84
C ALA A 361 0.55 16.50 -4.69
N PRO A 362 0.94 15.23 -4.52
CA PRO A 362 2.04 14.74 -5.33
C PRO A 362 1.62 14.70 -6.81
N ASN A 363 2.59 14.95 -7.69
CA ASN A 363 2.35 14.94 -9.12
C ASN A 363 3.60 14.36 -9.76
N LEU A 364 3.52 13.09 -10.16
CA LEU A 364 4.69 12.43 -10.71
C LEU A 364 4.40 11.03 -11.18
N TYR A 365 5.46 10.40 -11.69
CA TYR A 365 5.44 9.02 -12.12
C TYR A 365 6.60 8.48 -11.31
N LYS A 366 6.40 7.35 -10.65
CA LYS A 366 7.49 6.79 -9.87
C LYS A 366 7.60 5.31 -10.10
N GLN A 367 8.82 4.83 -10.22
CA GLN A 367 9.07 3.41 -10.43
C GLN A 367 9.62 2.78 -9.18
N TYR A 368 8.82 1.95 -8.52
CA TYR A 368 9.28 1.25 -7.32
C TYR A 368 9.85 -0.06 -7.83
N ALA A 369 11.01 0.03 -8.46
CA ALA A 369 11.69 -1.11 -9.04
C ALA A 369 11.97 -2.28 -8.07
N ALA A 370 12.34 -1.95 -6.84
CA ALA A 370 12.65 -2.97 -5.84
C ALA A 370 11.45 -3.83 -5.47
N MET A 371 10.22 -3.34 -5.69
CA MET A 371 9.04 -4.13 -5.35
C MET A 371 8.02 -4.25 -6.49
N ASP A 372 8.52 -4.24 -7.72
CA ASP A 372 7.68 -4.36 -8.92
C ASP A 372 6.39 -3.57 -8.86
N ARG A 373 6.50 -2.32 -8.44
CA ARG A 373 5.33 -1.45 -8.36
C ARG A 373 5.68 -0.13 -9.04
N ALA A 374 4.64 0.55 -9.53
CA ALA A 374 4.82 1.85 -10.19
C ALA A 374 3.57 2.69 -9.86
N VAL A 375 3.71 4.01 -9.88
CA VAL A 375 2.56 4.85 -9.59
C VAL A 375 2.57 6.17 -10.36
N LEU A 376 1.38 6.62 -10.73
CA LEU A 376 1.23 7.89 -11.43
C LEU A 376 0.26 8.74 -10.63
N GLN A 377 0.67 9.96 -10.28
CA GLN A 377 -0.15 10.89 -9.52
C GLN A 377 -0.39 12.14 -10.38
N ARG A 378 -1.66 12.47 -10.56
CA ARG A 378 -2.03 13.63 -11.38
C ARG A 378 -3.20 14.38 -10.73
N PRO A 379 -3.48 15.60 -11.20
CA PRO A 379 -4.61 16.33 -10.61
C PRO A 379 -5.88 15.55 -10.93
N GLY A 380 -6.60 15.09 -9.91
CA GLY A 380 -7.83 14.36 -10.17
C GLY A 380 -7.75 12.84 -10.15
N PHE A 381 -6.54 12.27 -10.21
CA PHE A 381 -6.42 10.82 -10.19
C PHE A 381 -5.01 10.30 -9.91
N ALA A 382 -4.94 9.00 -9.66
CA ALA A 382 -3.67 8.33 -9.41
C ALA A 382 -3.87 6.92 -9.92
N LEU A 383 -2.86 6.40 -10.61
CA LEU A 383 -2.94 5.05 -11.13
C LEU A 383 -1.81 4.22 -10.52
N GLY A 384 -2.19 3.12 -9.88
CA GLY A 384 -1.20 2.24 -9.29
C GLY A 384 -1.10 0.97 -10.13
N LEU A 385 0.12 0.51 -10.36
CA LEU A 385 0.32 -0.70 -11.16
C LEU A 385 1.08 -1.73 -10.32
N ALA A 386 0.52 -2.93 -10.19
CA ALA A 386 1.14 -3.98 -9.40
C ALA A 386 1.57 -5.17 -10.28
N LEU A 387 2.87 -5.47 -10.25
CA LEU A 387 3.43 -6.55 -11.05
C LEU A 387 4.18 -7.56 -10.19
N TYR A 388 4.63 -8.64 -10.81
CA TYR A 388 5.40 -9.64 -10.08
C TYR A 388 6.44 -10.21 -11.03
N SER A 389 7.42 -10.91 -10.47
CA SER A 389 8.49 -11.46 -11.29
C SER A 389 9.27 -12.51 -10.52
N THR A 390 10.51 -12.68 -10.91
CA THR A 390 11.38 -13.65 -10.26
C THR A 390 11.82 -13.08 -8.92
N ARG A 391 11.67 -11.76 -8.76
CA ARG A 391 12.07 -11.10 -7.52
C ARG A 391 10.91 -10.88 -6.55
N ILE A 392 9.73 -10.59 -7.09
CA ILE A 392 8.54 -10.32 -6.28
C ILE A 392 7.42 -11.33 -6.52
N SER A 393 6.81 -11.79 -5.44
CA SER A 393 5.73 -12.77 -5.51
C SER A 393 4.39 -12.26 -6.02
N SER A 394 3.62 -13.16 -6.62
CA SER A 394 2.30 -12.87 -7.16
C SER A 394 1.38 -12.26 -6.10
N TYR A 395 1.39 -12.84 -4.91
CA TYR A 395 0.58 -12.37 -3.79
C TYR A 395 0.88 -13.24 -2.58
N GLU A 396 0.57 -12.73 -1.39
CA GLU A 396 0.81 -13.50 -0.16
C GLU A 396 -0.49 -13.95 0.49
N SER A 397 -0.47 -15.21 0.94
CA SER A 397 -1.63 -15.75 1.61
C SER A 397 -1.19 -16.78 2.63
N ILE A 398 -1.22 -16.37 3.89
CA ILE A 398 -0.88 -17.25 5.00
C ILE A 398 -1.95 -17.06 6.06
N ASN A 399 -2.00 -17.98 7.01
CA ASN A 399 -2.98 -17.95 8.09
C ASN A 399 -4.41 -17.78 7.59
N SER A 400 -4.69 -18.39 6.43
CA SER A 400 -6.02 -18.34 5.83
C SER A 400 -6.46 -16.94 5.40
N GLU A 401 -5.51 -16.05 5.15
CA GLU A 401 -5.81 -14.70 4.74
C GLU A 401 -5.48 -14.44 3.28
N ASN A 402 -6.31 -13.65 2.61
CA ASN A 402 -6.09 -13.29 1.23
C ASN A 402 -6.07 -14.51 0.31
N GLY A 403 -7.09 -15.36 0.45
CA GLY A 403 -7.18 -16.57 -0.35
C GLY A 403 -7.46 -16.35 -1.84
N ARG A 404 -7.92 -15.16 -2.19
CA ARG A 404 -8.23 -14.86 -3.57
C ARG A 404 -7.39 -13.69 -4.06
N GLY A 405 -6.15 -13.60 -3.54
CA GLY A 405 -5.28 -12.50 -3.93
C GLY A 405 -4.55 -12.75 -5.23
N TRP A 406 -4.81 -13.92 -5.82
CA TRP A 406 -4.20 -14.38 -7.06
C TRP A 406 -3.61 -13.39 -8.04
N TYR A 407 -4.46 -12.55 -8.62
CA TYR A 407 -4.03 -11.59 -9.63
C TYR A 407 -3.88 -10.13 -9.20
N THR A 408 -3.95 -9.89 -7.89
CA THR A 408 -3.84 -8.55 -7.34
C THR A 408 -2.49 -7.93 -7.64
N GLY A 409 -1.57 -8.72 -8.17
CA GLY A 409 -0.24 -8.22 -8.49
C GLY A 409 0.29 -8.74 -9.83
N ALA A 410 -0.60 -9.10 -10.74
CA ALA A 410 -0.20 -9.61 -12.04
C ALA A 410 -0.57 -8.68 -13.19
N GLY A 411 -0.01 -7.47 -13.18
CA GLY A 411 -0.32 -6.50 -14.21
C GLY A 411 -1.65 -5.84 -13.90
N ALA A 412 -1.97 -5.78 -12.62
CA ALA A 412 -3.22 -5.19 -12.17
C ALA A 412 -3.11 -3.67 -12.06
N THR A 413 -4.09 -2.97 -12.60
CA THR A 413 -4.13 -1.51 -12.55
C THR A 413 -5.16 -1.06 -11.53
N TYR A 414 -4.79 -0.08 -10.71
CA TYR A 414 -5.71 0.45 -9.71
C TYR A 414 -5.87 1.94 -9.98
N LEU A 415 -7.09 2.36 -10.30
CA LEU A 415 -7.34 3.76 -10.59
C LEU A 415 -8.03 4.45 -9.41
N TYR A 416 -7.42 5.52 -8.93
CA TYR A 416 -7.97 6.28 -7.81
C TYR A 416 -8.50 7.61 -8.30
N ASN A 417 -9.77 7.88 -7.99
CA ASN A 417 -10.38 9.14 -8.36
C ASN A 417 -11.25 9.69 -7.23
N GLN A 418 -12.22 10.53 -7.55
CA GLN A 418 -13.04 11.12 -6.49
C GLN A 418 -13.97 10.14 -5.80
N ASP A 419 -14.04 8.90 -6.28
CA ASP A 419 -14.84 7.87 -5.63
C ASP A 419 -13.91 7.25 -4.58
N LEU A 420 -13.60 8.01 -3.54
CA LEU A 420 -12.70 7.55 -2.49
C LEU A 420 -13.02 6.16 -1.94
N ALA A 421 -14.28 5.76 -2.05
CA ALA A 421 -14.74 4.47 -1.53
C ALA A 421 -14.54 3.25 -2.42
N GLN A 422 -14.08 3.45 -3.66
CA GLN A 422 -13.91 2.35 -4.62
C GLN A 422 -13.37 1.04 -4.04
N TYR A 423 -12.23 1.07 -3.37
CA TYR A 423 -11.63 -0.15 -2.81
C TYR A 423 -12.00 -0.42 -1.34
N SER A 424 -12.81 0.45 -0.76
CA SER A 424 -13.26 0.24 0.61
C SER A 424 -14.71 -0.23 0.51
N GLU A 425 -15.45 -0.13 1.61
CA GLU A 425 -16.84 -0.56 1.63
C GLU A 425 -17.04 -1.97 1.06
N ASP A 426 -16.19 -2.88 1.53
CA ASP A 426 -16.26 -4.29 1.17
C ASP A 426 -16.06 -4.64 -0.29
N TYR A 427 -15.09 -3.98 -0.92
CA TYR A 427 -14.75 -4.22 -2.31
C TYR A 427 -14.10 -5.60 -2.45
N TRP A 428 -13.17 -5.90 -1.55
CA TRP A 428 -12.43 -7.16 -1.59
C TRP A 428 -13.20 -8.46 -1.41
N PRO A 429 -14.19 -8.49 -0.50
CA PRO A 429 -14.94 -9.74 -0.33
C PRO A 429 -16.07 -9.92 -1.37
N THR A 430 -16.28 -8.92 -2.22
CA THR A 430 -17.34 -9.02 -3.22
C THR A 430 -16.89 -9.04 -4.68
N VAL A 431 -15.77 -8.36 -4.98
CA VAL A 431 -15.28 -8.31 -6.36
C VAL A 431 -14.91 -9.68 -6.91
N ASP A 432 -15.08 -9.86 -8.21
CA ASP A 432 -14.73 -11.11 -8.88
C ASP A 432 -13.20 -11.16 -8.91
N ALA A 433 -12.63 -11.92 -7.99
CA ALA A 433 -11.18 -12.06 -7.83
C ALA A 433 -10.47 -12.64 -9.06
N TYR A 434 -11.23 -13.22 -9.99
CA TYR A 434 -10.63 -13.78 -11.20
C TYR A 434 -10.51 -12.71 -12.27
N ARG A 435 -11.08 -11.53 -12.00
CA ARG A 435 -11.03 -10.45 -12.96
C ARG A 435 -10.54 -9.11 -12.39
N ILE A 436 -9.27 -9.08 -12.00
CA ILE A 436 -8.64 -7.86 -11.47
C ILE A 436 -8.36 -6.98 -12.69
N PRO A 437 -8.74 -5.70 -12.62
CA PRO A 437 -8.52 -4.77 -13.74
C PRO A 437 -7.09 -4.81 -14.29
N GLY A 438 -6.97 -4.74 -15.61
CA GLY A 438 -5.66 -4.73 -16.25
C GLY A 438 -4.97 -6.06 -16.51
N THR A 439 -5.34 -7.10 -15.77
CA THR A 439 -4.69 -8.40 -15.93
C THR A 439 -5.18 -9.22 -17.11
N THR A 440 -4.36 -10.23 -17.46
CA THR A 440 -4.65 -11.16 -18.53
C THR A 440 -4.53 -12.52 -17.87
N VAL A 441 -5.60 -13.31 -17.94
CA VAL A 441 -5.61 -14.62 -17.28
C VAL A 441 -6.43 -15.67 -18.02
N ALA A 442 -6.32 -16.92 -17.54
CA ALA A 442 -7.10 -18.04 -18.06
C ALA A 442 -8.40 -17.87 -17.28
N SER A 443 -9.51 -17.68 -17.99
CA SER A 443 -10.80 -17.47 -17.35
C SER A 443 -11.14 -18.32 -16.12
N GLY A 444 -11.53 -17.64 -15.05
CA GLY A 444 -11.91 -18.32 -13.81
C GLY A 444 -10.88 -19.28 -13.25
N THR A 445 -9.63 -19.13 -13.66
CA THR A 445 -8.58 -20.02 -13.16
C THR A 445 -7.59 -19.27 -12.29
N PRO A 446 -7.22 -19.86 -11.14
CA PRO A 446 -6.28 -19.24 -10.19
C PRO A 446 -4.82 -19.54 -10.51
N ILE A 447 -3.91 -18.86 -9.80
CA ILE A 447 -2.48 -19.10 -9.94
C ILE A 447 -1.92 -19.27 -8.53
N ALA A 448 -0.70 -19.79 -8.44
CA ALA A 448 -0.07 -20.02 -7.15
C ALA A 448 0.58 -18.77 -6.58
N SER A 449 0.85 -18.83 -5.27
CA SER A 449 1.50 -17.76 -4.54
C SER A 449 2.99 -18.00 -4.67
N GLY A 450 3.69 -17.13 -5.39
CA GLY A 450 5.11 -17.30 -5.56
C GLY A 450 5.66 -16.42 -6.66
N THR A 451 6.99 -16.39 -6.80
CA THR A 451 7.62 -15.58 -7.83
C THR A 451 7.48 -16.22 -9.19
N GLY A 452 7.66 -15.41 -10.24
CA GLY A 452 7.55 -15.91 -11.60
C GLY A 452 8.90 -16.40 -12.11
N THR A 453 8.98 -16.69 -13.40
CA THR A 453 10.23 -17.16 -14.00
C THR A 453 10.84 -16.14 -14.94
N SER A 454 10.19 -14.98 -15.03
CA SER A 454 10.66 -13.91 -15.90
C SER A 454 11.22 -12.78 -15.04
N SER A 455 12.35 -12.22 -15.45
CA SER A 455 12.97 -11.13 -14.71
C SER A 455 12.59 -9.76 -15.29
N TRP A 456 12.04 -9.77 -16.50
CA TRP A 456 11.66 -8.53 -17.17
C TRP A 456 10.36 -7.97 -16.61
N THR A 457 10.48 -7.29 -15.48
CA THR A 457 9.37 -6.63 -14.82
C THR A 457 9.91 -5.34 -14.25
N GLY A 458 9.32 -4.22 -14.65
CA GLY A 458 9.77 -2.94 -14.18
C GLY A 458 9.44 -1.89 -15.20
N GLY A 459 10.30 -0.88 -15.33
CA GLY A 459 10.03 0.16 -16.30
C GLY A 459 10.98 1.33 -16.23
N VAL A 460 10.62 2.38 -16.95
CA VAL A 460 11.44 3.57 -17.01
C VAL A 460 10.66 4.79 -16.55
N SER A 461 11.37 5.73 -15.95
CA SER A 461 10.78 6.97 -15.47
C SER A 461 11.47 8.14 -16.18
N LEU A 462 10.69 9.02 -16.78
CA LEU A 462 11.26 10.18 -17.47
C LEU A 462 11.21 11.42 -16.57
N ALA A 463 12.27 11.63 -15.81
CA ALA A 463 12.36 12.78 -14.91
C ALA A 463 11.25 12.80 -13.86
N GLY A 464 10.68 11.64 -13.56
CA GLY A 464 9.61 11.56 -12.59
C GLY A 464 8.34 12.26 -13.05
N GLN A 465 8.26 12.59 -14.34
CA GLN A 465 7.08 13.27 -14.90
C GLN A 465 6.18 12.28 -15.63
N TYR A 466 6.80 11.42 -16.45
CA TYR A 466 6.09 10.41 -17.22
C TYR A 466 6.84 9.11 -17.05
N GLY A 467 6.29 8.02 -17.58
CA GLY A 467 6.97 6.74 -17.47
C GLY A 467 6.27 5.64 -18.24
N ALA A 468 6.85 4.44 -18.20
CA ALA A 468 6.29 3.29 -18.86
C ALA A 468 6.74 2.04 -18.11
N SER A 469 5.85 1.08 -17.97
CA SER A 469 6.21 -0.15 -17.28
C SER A 469 5.90 -1.33 -18.19
N GLY A 470 6.44 -2.48 -17.84
CA GLY A 470 6.19 -3.66 -18.63
C GLY A 470 6.31 -4.87 -17.74
N MET A 471 5.72 -5.99 -18.16
CA MET A 471 5.80 -7.23 -17.42
C MET A 471 5.74 -8.39 -18.41
N ASP A 472 6.74 -9.25 -18.34
CA ASP A 472 6.85 -10.42 -19.20
C ASP A 472 6.05 -11.52 -18.48
N LEU A 473 4.84 -11.76 -18.96
CA LEU A 473 3.94 -12.74 -18.36
C LEU A 473 4.13 -14.19 -18.79
N SER A 474 4.15 -15.06 -17.77
CA SER A 474 4.26 -16.49 -17.98
C SER A 474 3.91 -17.15 -16.64
N TYR A 475 2.64 -17.53 -16.51
CA TYR A 475 2.17 -18.15 -15.28
C TYR A 475 2.70 -19.56 -15.10
N GLY A 476 2.79 -20.00 -13.84
CA GLY A 476 3.29 -21.34 -13.58
C GLY A 476 2.18 -22.37 -13.40
N ALA A 477 1.02 -21.93 -12.91
CA ALA A 477 -0.11 -22.83 -12.68
C ALA A 477 -0.66 -23.42 -13.97
N TYR A 478 -0.55 -22.69 -15.06
CA TYR A 478 -1.04 -23.13 -16.35
C TYR A 478 -0.31 -22.37 -17.43
N ASN A 479 -0.41 -22.84 -18.67
CA ASN A 479 0.27 -22.19 -19.77
C ASN A 479 -0.44 -20.93 -20.29
N LEU A 480 0.29 -19.82 -20.24
CA LEU A 480 -0.19 -18.53 -20.72
C LEU A 480 0.98 -17.57 -20.64
N SER A 481 1.29 -16.93 -21.75
CA SER A 481 2.38 -15.95 -21.79
C SER A 481 1.92 -14.73 -22.55
N ALA A 482 2.62 -13.62 -22.35
CA ALA A 482 2.27 -12.38 -23.02
C ALA A 482 3.23 -11.26 -22.62
N ARG A 483 3.21 -10.18 -23.40
CA ARG A 483 4.02 -9.01 -23.12
C ARG A 483 3.00 -7.93 -22.76
N LYS A 484 3.04 -7.43 -21.54
CA LYS A 484 2.10 -6.40 -21.12
C LYS A 484 2.87 -5.12 -20.75
N SER A 485 2.45 -4.01 -21.33
CA SER A 485 3.07 -2.74 -21.08
C SER A 485 2.04 -1.69 -20.69
N TRP A 486 2.52 -0.62 -20.07
CA TRP A 486 1.70 0.49 -19.64
C TRP A 486 2.52 1.73 -19.87
N PHE A 487 1.93 2.70 -20.54
CA PHE A 487 2.60 3.97 -20.83
C PHE A 487 1.83 5.05 -20.11
N MET A 488 2.46 5.67 -19.12
CA MET A 488 1.84 6.72 -18.33
C MET A 488 2.17 8.12 -18.83
N PHE A 489 1.17 8.80 -19.35
CA PHE A 489 1.36 10.14 -19.86
C PHE A 489 0.67 11.15 -18.95
N ASP A 490 0.22 12.27 -19.50
CA ASP A 490 -0.41 13.30 -18.66
C ASP A 490 -1.84 13.01 -18.20
N ASP A 491 -2.74 12.78 -19.15
CA ASP A 491 -4.14 12.54 -18.84
C ASP A 491 -4.65 11.16 -19.27
N GLU A 492 -3.75 10.30 -19.74
CA GLU A 492 -4.15 8.96 -20.18
C GLU A 492 -3.07 7.92 -19.93
N ILE A 493 -3.48 6.67 -19.83
CA ILE A 493 -2.57 5.57 -19.64
C ILE A 493 -2.90 4.55 -20.72
N VAL A 494 -1.90 4.20 -21.52
CA VAL A 494 -2.10 3.25 -22.60
C VAL A 494 -1.58 1.87 -22.22
N ALA A 495 -2.44 0.86 -22.28
CA ALA A 495 -2.07 -0.50 -21.95
C ALA A 495 -1.94 -1.31 -23.24
N LEU A 496 -0.80 -1.98 -23.42
CA LEU A 496 -0.60 -2.79 -24.61
C LEU A 496 -0.30 -4.23 -24.27
N GLY A 497 -0.86 -5.13 -25.08
CA GLY A 497 -0.65 -6.54 -24.89
C GLY A 497 -0.27 -7.14 -26.22
N SER A 498 0.71 -8.03 -26.21
CA SER A 498 1.17 -8.68 -27.43
C SER A 498 1.61 -10.10 -27.11
N GLY A 499 1.80 -10.90 -28.16
CA GLY A 499 2.23 -12.28 -28.00
C GLY A 499 1.45 -13.08 -26.97
N ILE A 500 0.16 -12.80 -26.81
CA ILE A 500 -0.65 -13.53 -25.84
C ILE A 500 -0.88 -14.93 -26.39
N SER A 501 -0.15 -15.90 -25.85
CA SER A 501 -0.24 -17.28 -26.33
C SER A 501 -0.50 -18.25 -25.19
N SER A 502 -1.17 -19.36 -25.52
CA SER A 502 -1.50 -20.35 -24.51
C SER A 502 -1.84 -21.69 -25.16
N THR A 503 -1.61 -22.76 -24.41
CA THR A 503 -1.94 -24.12 -24.87
C THR A 503 -2.74 -24.76 -23.74
N ALA A 504 -3.17 -23.94 -22.78
CA ALA A 504 -3.91 -24.40 -21.61
C ALA A 504 -5.29 -25.00 -21.93
N GLY A 505 -5.88 -24.57 -23.03
CA GLY A 505 -7.20 -25.07 -23.38
C GLY A 505 -8.27 -24.37 -22.55
N ILE A 506 -7.95 -23.18 -22.05
CA ILE A 506 -8.88 -22.38 -21.25
C ILE A 506 -9.05 -21.01 -21.92
N PRO A 507 -10.29 -20.55 -22.08
CA PRO A 507 -10.49 -19.24 -22.71
C PRO A 507 -9.61 -18.21 -22.00
N ILE A 508 -8.90 -17.41 -22.79
CA ILE A 508 -8.02 -16.39 -22.23
C ILE A 508 -8.70 -15.03 -22.34
N GLU A 509 -8.55 -14.19 -21.33
CA GLU A 509 -9.16 -12.87 -21.34
C GLU A 509 -8.28 -11.83 -20.66
N THR A 510 -8.45 -10.58 -21.05
CA THR A 510 -7.73 -9.46 -20.46
C THR A 510 -8.77 -8.50 -19.90
N VAL A 511 -8.68 -8.19 -18.62
CA VAL A 511 -9.63 -7.30 -17.98
C VAL A 511 -9.31 -5.83 -18.22
N VAL A 512 -10.22 -5.13 -18.89
CA VAL A 512 -10.05 -3.71 -19.16
C VAL A 512 -10.32 -2.98 -17.84
N ASP A 513 -11.41 -3.35 -17.19
CA ASP A 513 -11.73 -2.73 -15.91
C ASP A 513 -12.84 -3.50 -15.17
N ASN A 514 -12.91 -3.29 -13.86
CA ASN A 514 -13.91 -3.94 -13.03
C ASN A 514 -14.10 -2.99 -11.86
N ARG A 515 -15.06 -2.08 -12.01
CA ARG A 515 -15.36 -1.05 -11.01
C ARG A 515 -16.62 -1.33 -10.18
N LYS A 516 -16.54 -1.00 -8.89
CA LYS A 516 -17.67 -1.13 -7.99
C LYS A 516 -18.57 0.08 -8.27
N LEU A 517 -19.83 -0.19 -8.62
CA LEU A 517 -20.80 0.86 -8.96
C LEU A 517 -21.53 1.43 -7.75
N ASN A 518 -22.44 2.38 -8.00
CA ASN A 518 -23.21 2.98 -6.92
C ASN A 518 -24.21 1.98 -6.36
N GLY A 519 -24.76 2.28 -5.19
CA GLY A 519 -25.71 1.40 -4.54
C GLY A 519 -26.80 0.84 -5.44
N ALA A 520 -27.24 1.64 -6.41
CA ALA A 520 -28.30 1.22 -7.32
C ALA A 520 -27.75 0.51 -8.54
N GLY A 521 -26.44 0.56 -8.73
CA GLY A 521 -25.85 -0.08 -9.89
C GLY A 521 -26.42 0.52 -11.16
N ASP A 522 -26.81 1.79 -11.10
CA ASP A 522 -27.38 2.43 -12.28
C ASP A 522 -26.50 3.47 -12.97
N ASN A 523 -25.21 3.45 -12.67
CA ASN A 523 -24.28 4.39 -13.30
C ASN A 523 -24.50 4.39 -14.81
N ALA A 524 -24.70 5.57 -15.38
CA ALA A 524 -24.88 5.67 -16.82
C ALA A 524 -23.55 5.35 -17.48
N TRP A 525 -23.60 4.81 -18.71
CA TRP A 525 -22.39 4.53 -19.44
C TRP A 525 -22.71 4.50 -20.93
N THR A 526 -21.71 4.82 -21.74
CA THR A 526 -21.91 4.91 -23.17
C THR A 526 -20.83 4.21 -23.98
N ALA A 527 -21.15 3.92 -25.23
CA ALA A 527 -20.23 3.30 -26.16
C ALA A 527 -20.46 3.89 -27.54
N ASN A 528 -19.41 4.43 -28.14
CA ASN A 528 -19.49 5.04 -29.47
C ASN A 528 -20.58 6.11 -29.54
N GLY A 529 -20.93 6.69 -28.39
CA GLY A 529 -21.94 7.74 -28.37
C GLY A 529 -23.36 7.29 -28.11
N ALA A 530 -23.55 5.99 -27.90
CA ALA A 530 -24.88 5.45 -27.64
C ALA A 530 -24.98 4.98 -26.19
N ALA A 531 -26.01 5.47 -25.48
CA ALA A 531 -26.23 5.09 -24.11
C ALA A 531 -26.42 3.57 -24.01
N LEU A 532 -25.96 2.98 -22.91
CA LEU A 532 -26.09 1.54 -22.71
C LEU A 532 -27.02 1.29 -21.52
N SER A 533 -27.75 0.18 -21.54
CA SER A 533 -28.67 -0.12 -20.46
C SER A 533 -27.92 -0.13 -19.13
N THR A 534 -28.57 0.40 -18.09
CA THR A 534 -27.97 0.50 -16.77
C THR A 534 -28.47 -0.54 -15.78
N GLY A 535 -29.29 -1.47 -16.26
CA GLY A 535 -29.83 -2.49 -15.37
C GLY A 535 -28.84 -3.51 -14.84
N LEU A 536 -29.06 -3.93 -13.58
CA LEU A 536 -28.23 -4.92 -12.91
C LEU A 536 -28.58 -6.33 -13.39
N GLY A 537 -27.58 -7.20 -13.43
CA GLY A 537 -27.83 -8.57 -13.85
C GLY A 537 -27.86 -8.77 -15.36
N VAL A 538 -27.48 -7.74 -16.11
CA VAL A 538 -27.49 -7.84 -17.57
C VAL A 538 -26.08 -7.99 -18.15
N ALA A 539 -25.87 -9.05 -18.92
CA ALA A 539 -24.57 -9.26 -19.56
C ALA A 539 -24.76 -8.81 -21.01
N GLN A 540 -23.73 -8.23 -21.61
CA GLN A 540 -23.86 -7.81 -22.99
C GLN A 540 -22.54 -7.60 -23.68
N THR A 541 -22.45 -8.05 -24.92
CA THR A 541 -21.25 -7.93 -25.73
C THR A 541 -21.30 -6.65 -26.53
N LEU A 542 -20.20 -5.92 -26.55
CA LEU A 542 -20.13 -4.69 -27.32
C LEU A 542 -19.17 -4.95 -28.47
N THR A 543 -19.69 -4.90 -29.69
CA THR A 543 -18.87 -5.17 -30.86
C THR A 543 -18.53 -3.91 -31.65
N GLY A 544 -17.31 -3.87 -32.20
CA GLY A 544 -16.88 -2.72 -32.96
C GLY A 544 -16.85 -1.47 -32.13
N VAL A 545 -16.37 -1.61 -30.89
CA VAL A 545 -16.30 -0.48 -29.96
C VAL A 545 -15.03 0.36 -30.13
N ASN A 546 -15.22 1.66 -30.24
CA ASN A 546 -14.10 2.58 -30.38
C ASN A 546 -13.84 3.21 -29.03
N TRP A 547 -14.91 3.47 -28.29
CA TRP A 547 -14.77 4.04 -26.96
C TRP A 547 -15.95 3.77 -26.07
N VAL A 548 -15.66 3.70 -24.78
CA VAL A 548 -16.68 3.47 -23.76
C VAL A 548 -16.48 4.51 -22.68
N HIS A 549 -17.59 4.97 -22.10
CA HIS A 549 -17.54 5.96 -21.03
C HIS A 549 -18.40 5.45 -19.88
N LEU A 550 -17.87 5.49 -18.67
CA LEU A 550 -18.58 5.04 -17.48
C LEU A 550 -18.71 6.17 -16.47
N ALA A 551 -19.95 6.57 -16.18
CA ALA A 551 -20.20 7.64 -15.24
C ALA A 551 -19.76 7.19 -13.86
N GLY A 552 -19.09 8.07 -13.13
CA GLY A 552 -18.60 7.75 -11.79
C GLY A 552 -19.63 7.76 -10.68
N ASN A 553 -19.23 7.31 -9.50
CA ASN A 553 -20.12 7.27 -8.35
C ASN A 553 -20.26 8.62 -7.67
N THR A 554 -19.60 9.63 -8.24
CA THR A 554 -19.69 10.99 -7.72
C THR A 554 -20.15 11.84 -8.89
N ALA A 555 -20.86 12.92 -8.60
CA ALA A 555 -21.38 13.79 -9.64
C ALA A 555 -20.30 14.13 -10.68
N ASP A 556 -19.06 14.23 -10.22
CA ASP A 556 -17.94 14.52 -11.10
C ASP A 556 -16.64 14.15 -10.43
N GLY A 557 -15.59 13.98 -11.22
CA GLY A 557 -14.30 13.62 -10.67
C GLY A 557 -14.03 12.13 -10.59
N SER A 558 -14.99 11.31 -11.06
CA SER A 558 -14.80 9.87 -11.02
C SER A 558 -15.24 9.12 -12.29
N ASP A 559 -15.59 9.84 -13.35
CA ASP A 559 -15.97 9.17 -14.59
C ASP A 559 -14.71 8.52 -15.14
N ILE A 560 -14.87 7.50 -15.98
CA ILE A 560 -13.68 6.87 -16.55
C ILE A 560 -13.94 6.59 -18.02
N GLY A 561 -13.00 7.00 -18.87
CA GLY A 561 -13.12 6.76 -20.30
C GLY A 561 -12.19 5.65 -20.74
N TYR A 562 -12.55 4.98 -21.83
CA TYR A 562 -11.72 3.91 -22.37
C TYR A 562 -11.71 4.02 -23.89
N TYR A 563 -10.54 4.27 -24.48
CA TYR A 563 -10.41 4.37 -25.94
C TYR A 563 -9.71 3.15 -26.52
N PHE A 564 -10.27 2.60 -27.60
CA PHE A 564 -9.70 1.42 -28.24
C PHE A 564 -9.19 1.65 -29.66
N PRO A 565 -7.88 1.84 -29.82
CA PRO A 565 -7.29 2.06 -31.15
C PRO A 565 -7.60 0.88 -32.05
N GLY A 566 -8.22 1.15 -33.20
CA GLY A 566 -8.55 0.10 -34.13
C GLY A 566 -9.85 -0.62 -33.80
N GLY A 567 -10.51 -0.18 -32.73
CA GLY A 567 -11.76 -0.80 -32.34
C GLY A 567 -11.55 -2.10 -31.59
N ALA A 568 -12.56 -2.51 -30.83
CA ALA A 568 -12.47 -3.76 -30.08
C ALA A 568 -13.85 -4.34 -29.83
N THR A 569 -13.87 -5.57 -29.35
CA THR A 569 -15.10 -6.24 -29.00
C THR A 569 -14.89 -6.54 -27.52
N LEU A 570 -15.79 -6.03 -26.70
CA LEU A 570 -15.71 -6.17 -25.26
C LEU A 570 -16.82 -7.05 -24.71
N GLN A 571 -16.47 -7.91 -23.77
CA GLN A 571 -17.44 -8.77 -23.11
C GLN A 571 -17.71 -8.02 -21.82
N THR A 572 -18.99 -7.80 -21.50
CA THR A 572 -19.31 -7.06 -20.30
C THR A 572 -20.51 -7.59 -19.52
N LYS A 573 -20.58 -7.18 -18.27
CA LYS A 573 -21.69 -7.55 -17.41
C LYS A 573 -21.74 -6.59 -16.23
N ARG A 574 -22.95 -6.27 -15.80
CA ARG A 574 -23.20 -5.40 -14.66
C ARG A 574 -24.01 -6.29 -13.73
N GLU A 575 -23.50 -6.52 -12.53
CA GLU A 575 -24.17 -7.41 -11.61
C GLU A 575 -23.95 -7.06 -10.15
N ALA A 576 -24.80 -7.61 -9.29
CA ALA A 576 -24.70 -7.41 -7.85
C ALA A 576 -24.02 -8.66 -7.32
N ARG A 577 -22.87 -8.50 -6.69
CA ARG A 577 -22.14 -9.66 -6.17
C ARG A 577 -22.16 -9.69 -4.66
N THR A 578 -22.38 -10.88 -4.10
CA THR A 578 -22.44 -11.04 -2.66
C THR A 578 -21.24 -11.82 -2.13
N GLY A 579 -20.82 -11.51 -0.92
CA GLY A 579 -19.70 -12.21 -0.33
C GLY A 579 -19.56 -11.89 1.14
N THR A 580 -18.53 -12.43 1.79
CA THR A 580 -18.29 -12.15 3.20
C THR A 580 -16.78 -12.08 3.36
N TRP A 581 -16.31 -11.33 4.36
CA TRP A 581 -14.88 -11.24 4.58
C TRP A 581 -14.33 -12.60 5.01
N LYS A 582 -15.16 -13.40 5.66
CA LYS A 582 -14.74 -14.71 6.11
C LYS A 582 -14.27 -15.53 4.90
N GLN A 583 -14.88 -15.26 3.74
CA GLN A 583 -14.52 -15.98 2.52
C GLN A 583 -13.08 -15.77 2.06
N ILE A 584 -12.48 -14.63 2.42
CA ILE A 584 -11.11 -14.38 2.00
C ILE A 584 -10.17 -14.20 3.17
N ASN A 585 -10.70 -14.37 4.37
CA ASN A 585 -9.94 -14.25 5.60
C ASN A 585 -10.63 -15.17 6.59
N ASN A 586 -10.35 -16.46 6.48
CA ASN A 586 -10.99 -17.46 7.33
C ASN A 586 -10.40 -17.58 8.73
N ARG A 587 -10.49 -16.50 9.50
CA ARG A 587 -10.00 -16.51 10.87
C ARG A 587 -11.22 -16.36 11.77
N PRO A 588 -11.22 -17.05 12.93
CA PRO A 588 -12.34 -17.00 13.88
C PRO A 588 -12.94 -15.61 14.15
N ALA A 589 -12.09 -14.60 14.26
CA ALA A 589 -12.55 -13.25 14.54
C ALA A 589 -13.15 -12.53 13.34
N THR A 590 -12.95 -13.06 12.14
CA THR A 590 -13.46 -12.44 10.92
C THR A 590 -14.98 -12.48 10.84
N PRO A 591 -15.62 -11.33 10.57
CA PRO A 591 -17.08 -11.25 10.45
C PRO A 591 -17.58 -12.02 9.23
N SER A 592 -18.69 -12.73 9.39
CA SER A 592 -19.26 -13.52 8.32
C SER A 592 -20.50 -12.87 7.71
N THR A 593 -20.78 -11.64 8.12
CA THR A 593 -21.93 -10.92 7.60
C THR A 593 -21.80 -10.80 6.09
N ALA A 594 -22.90 -11.00 5.38
CA ALA A 594 -22.89 -10.92 3.93
C ALA A 594 -23.03 -9.48 3.47
N VAL A 595 -22.37 -9.17 2.35
CA VAL A 595 -22.42 -7.83 1.78
C VAL A 595 -22.65 -7.96 0.29
N THR A 596 -23.32 -6.97 -0.29
CA THR A 596 -23.62 -6.99 -1.71
C THR A 596 -23.21 -5.67 -2.38
N ARG A 597 -22.31 -5.76 -3.36
CA ARG A 597 -21.86 -4.57 -4.07
C ARG A 597 -22.07 -4.75 -5.56
N ASN A 598 -22.29 -3.64 -6.26
CA ASN A 598 -22.51 -3.71 -7.70
C ASN A 598 -21.25 -3.45 -8.50
N TYR A 599 -21.11 -4.17 -9.61
CA TYR A 599 -19.94 -4.04 -10.46
C TYR A 599 -20.23 -3.98 -11.94
N GLU A 600 -19.38 -3.25 -12.65
CA GLU A 600 -19.44 -3.17 -14.11
C GLU A 600 -18.11 -3.82 -14.48
N THR A 601 -18.17 -4.95 -15.17
CA THR A 601 -16.94 -5.66 -15.54
C THR A 601 -16.81 -5.77 -17.06
N MET A 602 -15.63 -5.41 -17.56
CA MET A 602 -15.36 -5.41 -18.99
C MET A 602 -14.04 -6.10 -19.33
N TRP A 603 -14.06 -6.99 -20.31
CA TRP A 603 -12.84 -7.68 -20.69
C TRP A 603 -12.84 -8.11 -22.15
N ILE A 604 -11.65 -8.41 -22.65
CA ILE A 604 -11.48 -8.85 -24.02
C ILE A 604 -11.29 -10.36 -24.03
N ASP A 605 -12.07 -11.03 -24.87
CA ASP A 605 -12.00 -12.48 -24.99
C ASP A 605 -10.98 -12.82 -26.08
N HIS A 606 -9.88 -13.47 -25.69
CA HIS A 606 -8.84 -13.83 -26.66
C HIS A 606 -9.02 -15.26 -27.17
N GLY A 607 -10.10 -15.90 -26.72
CA GLY A 607 -10.37 -17.26 -27.14
C GLY A 607 -9.52 -18.28 -26.40
N THR A 608 -9.73 -19.54 -26.72
CA THR A 608 -8.99 -20.65 -26.13
C THR A 608 -7.75 -20.90 -26.98
N ASN A 609 -6.63 -21.20 -26.32
CA ASN A 609 -5.37 -21.45 -27.01
C ASN A 609 -5.03 -20.41 -28.07
N PRO A 610 -5.03 -19.12 -27.69
CA PRO A 610 -4.68 -18.09 -28.68
C PRO A 610 -3.19 -18.21 -29.00
N SER A 611 -2.77 -17.56 -30.09
CA SER A 611 -1.39 -17.58 -30.49
C SER A 611 -1.02 -16.18 -30.98
N GLY A 612 -0.13 -15.51 -30.26
CA GLY A 612 0.26 -14.17 -30.67
C GLY A 612 -0.87 -13.16 -30.64
N ALA A 613 -1.84 -13.38 -29.76
CA ALA A 613 -2.96 -12.46 -29.64
C ALA A 613 -2.44 -11.16 -29.00
N SER A 614 -3.22 -10.10 -29.10
CA SER A 614 -2.80 -8.82 -28.53
C SER A 614 -4.00 -7.93 -28.24
N TYR A 615 -3.75 -6.76 -27.65
CA TYR A 615 -4.80 -5.81 -27.32
C TYR A 615 -4.19 -4.45 -27.09
N GLY A 616 -5.05 -3.43 -27.10
CA GLY A 616 -4.57 -2.08 -26.88
C GLY A 616 -5.70 -1.15 -26.47
N TYR A 617 -5.65 -0.64 -25.25
CA TYR A 617 -6.67 0.28 -24.79
C TYR A 617 -6.06 1.46 -24.02
N VAL A 618 -6.80 2.55 -23.93
CA VAL A 618 -6.32 3.75 -23.24
C VAL A 618 -7.30 4.15 -22.15
N LEU A 619 -6.79 4.34 -20.93
CA LEU A 619 -7.62 4.76 -19.81
C LEU A 619 -7.64 6.30 -19.76
N LEU A 620 -8.83 6.87 -19.84
CA LEU A 620 -9.00 8.32 -19.84
C LEU A 620 -9.72 8.73 -18.56
N PRO A 621 -8.97 8.92 -17.47
CA PRO A 621 -9.62 9.30 -16.22
C PRO A 621 -10.38 10.62 -16.29
N ASN A 622 -11.44 10.69 -15.48
CA ASN A 622 -12.28 11.87 -15.32
C ASN A 622 -12.75 12.67 -16.54
N LYS A 623 -12.81 12.05 -17.71
CA LYS A 623 -13.30 12.77 -18.90
C LYS A 623 -14.81 12.49 -19.06
N THR A 624 -15.55 13.49 -19.52
CA THR A 624 -17.00 13.31 -19.72
C THR A 624 -17.20 12.46 -20.98
N SER A 625 -18.45 12.12 -21.26
CA SER A 625 -18.76 11.32 -22.44
C SER A 625 -18.34 12.04 -23.72
N ALA A 626 -18.62 13.34 -23.76
CA ALA A 626 -18.27 14.15 -24.91
C ALA A 626 -16.75 14.19 -25.09
N GLN A 627 -16.03 14.40 -24.00
CA GLN A 627 -14.58 14.46 -24.06
C GLN A 627 -13.95 13.17 -24.53
N VAL A 628 -14.52 12.03 -24.14
CA VAL A 628 -13.99 10.75 -24.58
C VAL A 628 -14.21 10.66 -26.08
N GLY A 629 -15.40 11.06 -26.53
CA GLY A 629 -15.70 11.04 -27.95
C GLY A 629 -14.72 11.92 -28.70
N ALA A 630 -14.46 13.10 -28.15
CA ALA A 630 -13.54 14.05 -28.76
C ALA A 630 -12.14 13.45 -28.87
N TYR A 631 -11.71 12.75 -27.82
CA TYR A 631 -10.40 12.12 -27.80
C TYR A 631 -10.38 11.06 -28.88
N ALA A 632 -11.42 10.24 -28.88
CA ALA A 632 -11.55 9.15 -29.84
C ALA A 632 -11.47 9.64 -31.29
N ALA A 633 -11.98 10.84 -31.54
CA ALA A 633 -11.97 11.42 -32.89
C ALA A 633 -10.57 11.86 -33.34
N ASP A 634 -9.74 12.25 -32.37
CA ASP A 634 -8.39 12.71 -32.66
C ASP A 634 -7.55 12.44 -31.41
N PRO A 635 -7.21 11.16 -31.18
CA PRO A 635 -6.41 10.71 -30.03
C PRO A 635 -5.00 11.30 -29.95
N ALA A 636 -4.58 11.62 -28.73
CA ALA A 636 -3.26 12.19 -28.51
C ALA A 636 -2.15 11.14 -28.58
N ILE A 637 -2.48 9.87 -28.36
CA ILE A 637 -1.48 8.81 -28.41
C ILE A 637 -1.56 8.00 -29.71
N GLU A 638 -0.45 7.37 -30.06
CA GLU A 638 -0.38 6.56 -31.25
C GLU A 638 0.48 5.32 -30.98
N ILE A 639 -0.06 4.15 -31.29
CA ILE A 639 0.67 2.92 -31.06
C ILE A 639 1.73 2.75 -32.14
N VAL A 640 3.00 2.87 -31.75
CA VAL A 640 4.10 2.73 -32.68
C VAL A 640 4.32 1.27 -33.04
N VAL A 641 4.27 0.40 -32.03
CA VAL A 641 4.48 -1.03 -32.23
C VAL A 641 3.85 -1.82 -31.10
N ASN A 642 3.48 -3.06 -31.41
CA ASN A 642 2.88 -3.94 -30.41
C ASN A 642 3.11 -5.39 -30.80
N THR A 643 4.38 -5.77 -30.83
CA THR A 643 4.80 -7.13 -31.17
C THR A 643 5.43 -7.74 -29.92
N SER A 644 5.71 -9.04 -29.95
CA SER A 644 6.30 -9.70 -28.80
C SER A 644 7.74 -9.24 -28.67
N GLY A 645 8.22 -8.53 -29.68
CA GLY A 645 9.58 -8.02 -29.67
C GLY A 645 9.66 -6.63 -29.06
N VAL A 646 8.69 -5.77 -29.39
CA VAL A 646 8.69 -4.42 -28.86
C VAL A 646 7.32 -3.79 -28.86
N GLN A 647 7.01 -3.10 -27.75
CA GLN A 647 5.74 -2.40 -27.60
C GLN A 647 6.10 -0.92 -27.45
N SER A 648 5.48 -0.09 -28.27
CA SER A 648 5.79 1.34 -28.26
C SER A 648 4.57 2.23 -28.52
N VAL A 649 4.47 3.29 -27.74
CA VAL A 649 3.37 4.23 -27.87
C VAL A 649 3.92 5.65 -27.88
N LYS A 650 3.40 6.47 -28.78
CA LYS A 650 3.84 7.86 -28.90
C LYS A 650 2.70 8.77 -28.40
N GLU A 651 3.07 9.85 -27.74
CA GLU A 651 2.08 10.81 -27.27
C GLU A 651 2.39 12.06 -28.08
N LYS A 652 1.67 12.20 -29.18
CA LYS A 652 1.82 13.30 -30.14
C LYS A 652 1.87 14.71 -29.57
N THR A 653 0.96 15.06 -28.66
CA THR A 653 0.92 16.40 -28.09
C THR A 653 2.09 16.74 -27.17
N LEU A 654 2.72 15.71 -26.60
CA LEU A 654 3.83 15.94 -25.67
C LEU A 654 5.20 15.58 -26.26
N GLY A 655 5.20 15.05 -27.48
CA GLY A 655 6.45 14.67 -28.11
C GLY A 655 7.13 13.52 -27.39
N LEU A 656 6.33 12.70 -26.73
CA LEU A 656 6.84 11.56 -25.98
C LEU A 656 6.75 10.25 -26.76
N VAL A 657 7.80 9.45 -26.67
CA VAL A 657 7.81 8.14 -27.31
C VAL A 657 8.33 7.14 -26.28
N GLY A 658 7.47 6.19 -25.91
CA GLY A 658 7.85 5.18 -24.95
C GLY A 658 8.00 3.85 -25.63
N ALA A 659 8.95 3.04 -25.21
CA ALA A 659 9.14 1.72 -25.82
C ALA A 659 9.74 0.70 -24.88
N ASN A 660 9.13 -0.48 -24.88
CA ASN A 660 9.60 -1.60 -24.07
C ASN A 660 10.14 -2.66 -25.04
N PHE A 661 11.44 -2.92 -24.98
CA PHE A 661 12.06 -3.92 -25.84
C PHE A 661 12.15 -5.20 -25.05
N TRP A 662 11.46 -6.25 -25.53
CA TRP A 662 11.41 -7.52 -24.83
C TRP A 662 12.52 -8.56 -25.04
N THR A 663 13.42 -8.33 -25.97
CA THR A 663 14.48 -9.31 -26.20
C THR A 663 15.87 -8.69 -26.28
N ASP A 664 16.89 -9.54 -26.27
CA ASP A 664 18.25 -9.05 -26.38
C ASP A 664 18.76 -9.04 -27.81
N THR A 665 17.97 -8.47 -28.73
CA THR A 665 18.36 -8.36 -30.12
C THR A 665 18.02 -6.95 -30.57
N THR A 666 18.81 -6.42 -31.50
CA THR A 666 18.59 -5.06 -31.99
C THR A 666 17.18 -4.89 -32.56
N GLN A 667 16.47 -3.90 -32.04
CA GLN A 667 15.11 -3.60 -32.48
C GLN A 667 14.91 -2.09 -32.54
N THR A 668 13.92 -1.67 -33.31
CA THR A 668 13.63 -0.25 -33.46
C THR A 668 12.15 0.09 -33.32
N ALA A 669 11.88 1.13 -32.55
CA ALA A 669 10.53 1.63 -32.35
C ALA A 669 10.63 3.13 -32.62
N ASP A 670 10.07 3.56 -33.74
CA ASP A 670 10.12 4.97 -34.12
C ASP A 670 11.59 5.42 -34.15
N LEU A 671 11.93 6.47 -33.42
CA LEU A 671 13.32 6.96 -33.42
C LEU A 671 14.27 6.19 -32.51
N ILE A 672 13.72 5.27 -31.70
CA ILE A 672 14.52 4.51 -30.74
C ILE A 672 14.96 3.12 -31.17
N THR A 673 16.25 2.86 -31.08
CA THR A 673 16.80 1.54 -31.40
C THR A 673 17.54 1.04 -30.16
N SER A 674 17.33 -0.21 -29.79
CA SER A 674 18.00 -0.80 -28.64
C SER A 674 18.51 -2.18 -29.02
N ASN A 675 19.61 -2.59 -28.39
CA ASN A 675 20.18 -3.90 -28.68
C ASN A 675 19.87 -4.91 -27.58
N LYS A 676 19.34 -4.43 -26.46
CA LYS A 676 19.03 -5.31 -25.34
C LYS A 676 17.70 -5.00 -24.67
N LYS A 677 17.27 -5.90 -23.79
CA LYS A 677 16.02 -5.71 -23.06
C LYS A 677 16.13 -4.36 -22.39
N ALA A 678 15.10 -3.54 -22.53
CA ALA A 678 15.12 -2.21 -21.95
C ALA A 678 13.76 -1.53 -21.95
N SER A 679 13.61 -0.53 -21.11
CA SER A 679 12.39 0.28 -21.03
C SER A 679 12.93 1.65 -21.37
N VAL A 680 12.37 2.27 -22.41
CA VAL A 680 12.85 3.58 -22.85
C VAL A 680 11.78 4.62 -23.16
N MET A 681 12.07 5.86 -22.78
CA MET A 681 11.16 6.95 -23.08
C MET A 681 11.94 8.20 -23.44
N THR A 682 11.51 8.85 -24.51
CA THR A 682 12.16 10.06 -24.99
C THR A 682 11.13 11.17 -25.06
N ARG A 683 11.62 12.41 -24.98
CA ARG A 683 10.76 13.56 -25.11
C ARG A 683 11.47 14.49 -26.08
N GLU A 684 10.83 14.76 -27.20
CA GLU A 684 11.42 15.61 -28.22
C GLU A 684 10.77 16.98 -28.32
N ILE A 685 11.56 18.02 -28.11
CA ILE A 685 11.06 19.37 -28.23
C ILE A 685 11.60 19.83 -29.59
N ALA A 686 10.70 19.91 -30.57
CA ALA A 686 11.04 20.29 -31.94
C ALA A 686 12.23 21.23 -32.11
N ASP A 687 13.21 20.78 -32.89
CA ASP A 687 14.41 21.55 -33.19
C ASP A 687 15.14 22.15 -31.99
N GLU A 688 14.89 21.63 -30.79
CA GLU A 688 15.55 22.17 -29.61
C GLU A 688 16.32 21.13 -28.82
N ARG A 689 15.65 20.06 -28.42
CA ARG A 689 16.33 19.03 -27.64
C ARG A 689 15.56 17.72 -27.58
N LEU A 690 16.28 16.67 -27.25
CA LEU A 690 15.67 15.36 -27.13
C LEU A 690 16.11 14.77 -25.81
N GLU A 691 15.14 14.48 -24.95
CA GLU A 691 15.41 13.89 -23.64
C GLU A 691 15.25 12.39 -23.77
N ALA A 692 15.97 11.63 -22.96
CA ALA A 692 15.90 10.18 -23.01
C ALA A 692 16.20 9.55 -21.67
N SER A 693 15.38 8.57 -21.29
CA SER A 693 15.58 7.85 -20.04
C SER A 693 15.58 6.37 -20.36
N VAL A 694 16.51 5.63 -19.77
CA VAL A 694 16.63 4.21 -20.03
C VAL A 694 16.86 3.38 -18.78
N SER A 695 16.26 2.21 -18.73
CA SER A 695 16.45 1.32 -17.61
C SER A 695 16.51 -0.11 -18.07
N ASP A 696 17.13 -0.95 -17.24
CA ASP A 696 17.24 -2.38 -17.48
C ASP A 696 16.27 -2.92 -16.44
N PRO A 697 15.03 -3.24 -16.84
CA PRO A 697 14.05 -3.77 -15.87
C PRO A 697 14.42 -5.14 -15.32
N THR A 698 15.18 -5.91 -16.10
CA THR A 698 15.56 -7.26 -15.66
C THR A 698 16.45 -7.20 -14.43
N GLN A 699 17.16 -6.08 -14.28
CA GLN A 699 18.08 -5.89 -13.17
C GLN A 699 19.11 -7.02 -13.20
N ALA A 700 19.30 -7.61 -14.38
CA ALA A 700 20.25 -8.71 -14.53
C ALA A 700 21.32 -8.49 -15.57
N ASN A 701 21.21 -7.40 -16.32
CA ASN A 701 22.22 -7.10 -17.33
C ASN A 701 23.49 -6.63 -16.60
N ASN A 702 24.59 -7.33 -16.83
CA ASN A 702 25.87 -7.01 -16.19
C ASN A 702 26.77 -6.13 -17.05
N GLY A 703 26.25 -5.68 -18.19
CA GLY A 703 27.03 -4.85 -19.08
C GLY A 703 26.34 -3.54 -19.39
N THR A 704 25.96 -3.33 -20.65
CA THR A 704 25.29 -2.11 -21.05
C THR A 704 24.07 -2.32 -21.94
N ILE A 705 23.38 -1.21 -22.22
CA ILE A 705 22.25 -1.20 -23.12
C ILE A 705 22.73 -0.19 -24.15
N ALA A 706 22.81 -0.61 -25.41
CA ALA A 706 23.25 0.28 -26.48
C ALA A 706 22.02 0.90 -27.10
N ILE A 707 21.92 2.22 -27.02
CA ILE A 707 20.77 2.90 -27.58
C ILE A 707 21.20 3.84 -28.69
N GLU A 708 20.34 3.97 -29.68
CA GLU A 708 20.59 4.89 -30.77
C GLU A 708 19.29 5.67 -30.98
N LEU A 709 19.41 6.96 -31.25
CA LEU A 709 18.23 7.80 -31.46
C LEU A 709 18.34 8.45 -32.84
N ALA A 710 17.27 8.33 -33.63
CA ALA A 710 17.26 8.85 -34.98
C ALA A 710 17.12 10.37 -35.08
N ARG A 711 18.07 11.07 -34.46
CA ARG A 711 18.10 12.53 -34.48
C ARG A 711 19.56 12.92 -34.36
N SER A 712 19.94 14.04 -34.98
CA SER A 712 21.30 14.51 -34.92
C SER A 712 21.44 15.57 -33.84
N ALA A 713 22.43 15.39 -32.96
CA ALA A 713 22.63 16.33 -31.85
C ALA A 713 23.88 17.20 -31.98
N GLU A 714 23.85 18.31 -31.24
CA GLU A 714 24.92 19.29 -31.20
C GLU A 714 25.73 19.10 -29.91
N GLY A 715 25.05 18.78 -28.83
CA GLY A 715 25.69 18.58 -27.55
C GLY A 715 24.77 17.84 -26.61
N TYR A 716 25.24 17.58 -25.39
CA TYR A 716 24.41 16.85 -24.44
C TYR A 716 25.02 16.92 -23.04
N SER A 717 24.34 16.24 -22.13
CA SER A 717 24.74 16.09 -20.74
C SER A 717 23.98 14.83 -20.35
N ALA A 718 24.54 14.02 -19.47
CA ALA A 718 23.87 12.79 -19.09
C ALA A 718 24.25 12.35 -17.69
N ASP A 719 23.41 11.51 -17.11
CA ASP A 719 23.64 10.97 -15.78
C ASP A 719 24.87 10.09 -15.86
N PRO A 720 25.59 9.95 -14.74
CA PRO A 720 26.76 9.09 -14.76
C PRO A 720 26.29 7.66 -15.06
N GLY A 721 27.08 6.92 -15.81
CA GLY A 721 26.70 5.57 -16.16
C GLY A 721 26.44 5.53 -17.66
N ILE A 722 26.12 6.69 -18.21
CA ILE A 722 25.86 6.81 -19.64
C ILE A 722 27.08 7.36 -20.35
N THR A 723 27.43 6.73 -21.48
CA THR A 723 28.56 7.18 -22.28
C THR A 723 28.07 7.44 -23.69
N VAL A 724 28.23 8.68 -24.16
CA VAL A 724 27.80 9.03 -25.51
C VAL A 724 28.96 8.74 -26.45
N THR A 725 28.70 7.94 -27.47
CA THR A 725 29.72 7.58 -28.43
C THR A 725 29.57 8.31 -29.76
N GLN A 726 28.41 8.92 -29.98
CA GLN A 726 28.16 9.65 -31.23
C GLN A 726 26.99 10.61 -31.10
N LEU A 727 27.07 11.73 -31.80
CA LEU A 727 26.01 12.74 -31.78
C LEU A 727 25.45 13.02 -33.17
N ALA A 728 26.25 12.75 -34.19
CA ALA A 728 25.82 12.97 -35.58
C ALA A 728 26.53 11.95 -36.46
N PRO A 729 25.88 11.48 -37.53
CA PRO A 729 24.53 11.81 -37.99
C PRO A 729 23.39 11.42 -37.07
N THR A 730 23.64 10.48 -36.15
CA THR A 730 22.61 10.06 -35.19
C THR A 730 23.18 9.97 -33.78
N ILE A 731 22.30 9.95 -32.79
CA ILE A 731 22.72 9.87 -31.40
C ILE A 731 22.95 8.42 -30.98
N LYS A 732 24.11 8.16 -30.40
CA LYS A 732 24.47 6.82 -29.94
C LYS A 732 25.13 6.87 -28.57
N PHE A 733 24.65 6.03 -27.67
CA PHE A 733 25.22 5.96 -26.33
C PHE A 733 24.92 4.62 -25.68
N THR A 734 25.72 4.25 -24.70
CA THR A 734 25.51 3.01 -23.97
C THR A 734 25.15 3.37 -22.53
N VAL A 735 24.48 2.46 -21.84
CA VAL A 735 24.08 2.70 -20.46
C VAL A 735 24.63 1.58 -19.58
N ASN A 736 25.50 1.93 -18.64
CA ASN A 736 26.07 0.93 -17.73
C ASN A 736 24.99 0.57 -16.71
N VAL A 737 24.42 -0.62 -16.84
CA VAL A 737 23.35 -1.03 -15.93
C VAL A 737 23.72 -2.13 -14.93
N ASN A 738 25.00 -2.47 -14.87
CA ASN A 738 25.46 -3.49 -13.93
C ASN A 738 25.14 -3.03 -12.51
N GLY A 739 24.27 -3.77 -11.83
CA GLY A 739 23.90 -3.41 -10.46
C GLY A 739 23.00 -2.19 -10.32
N ALA A 740 22.39 -1.75 -11.42
CA ALA A 740 21.53 -0.57 -11.41
C ALA A 740 20.22 -0.78 -10.64
N LYS A 741 19.86 -2.04 -10.43
CA LYS A 741 18.64 -2.40 -9.70
C LYS A 741 17.38 -1.77 -10.28
N GLY A 742 17.30 -1.73 -11.60
CA GLY A 742 16.11 -1.19 -12.25
C GLY A 742 15.90 0.31 -12.28
N LYS A 743 16.94 1.08 -11.98
CA LYS A 743 16.83 2.55 -12.00
C LYS A 743 16.92 3.06 -13.44
N SER A 744 16.41 4.27 -13.65
CA SER A 744 16.43 4.90 -14.97
C SER A 744 17.58 5.87 -15.08
N PHE A 745 18.25 5.87 -16.24
CA PHE A 745 19.36 6.79 -16.49
C PHE A 745 18.87 7.82 -17.50
N HIS A 746 19.09 9.10 -17.19
CA HIS A 746 18.64 10.20 -18.04
C HIS A 746 19.73 10.88 -18.84
N ALA A 747 19.36 11.33 -20.04
CA ALA A 747 20.29 12.03 -20.94
C ALA A 747 19.48 13.08 -21.67
N SER A 748 20.09 14.25 -21.90
CA SER A 748 19.41 15.32 -22.62
C SER A 748 20.30 15.78 -23.75
N PHE A 749 19.79 15.71 -24.98
CA PHE A 749 20.58 16.11 -26.13
C PHE A 749 20.11 17.40 -26.77
N GLN A 750 21.06 18.28 -27.07
CA GLN A 750 20.75 19.53 -27.73
C GLN A 750 20.68 19.20 -29.22
N LEU A 751 19.51 19.38 -29.81
CA LEU A 751 19.32 19.10 -31.22
C LEU A 751 19.82 20.24 -32.11
N GLY A 752 20.26 19.89 -33.31
CA GLY A 752 20.75 20.90 -34.23
C GLY A 752 21.72 20.31 -35.25
#